data_1JQH
#
_entry.id   1JQH
#
_cell.length_a   85.963
_cell.length_b   85.963
_cell.length_c   132.204
_cell.angle_alpha   90.00
_cell.angle_beta   90.00
_cell.angle_gamma   120.00
#
_symmetry.space_group_name_H-M   'P 32'
#
loop_
_entity.id
_entity.type
_entity.pdbx_description
1 polymer 'IGF-1 receptor kinase'
2 non-polymer 'MAGNESIUM ION'
3 non-polymer 'SULFATE ION'
4 non-polymer 'PHOSPHOAMINOPHOSPHONIC ACID-ADENYLATE ESTER'
5 water water
#
_entity_poly.entity_id   1
_entity_poly.type   'polypeptide(L)'
_entity_poly.pdbx_seq_one_letter_code
;GSFSAADVYVPDEWEVAREKITMSRELGQGSFGMVYEGVAKGVVKDEPETRVAIKTVNEAASMRERIEFLNEASVMKEFN
CHHVVRLLGVVSQGQPTLVIMELMTRGDLKSYLRSLRPEMENNPVLAPPSLSKMIQMAGEIADGMAYLNANKFVHRDLAA
RNCMVAEDFTVKIGDFGMTRDIYETDYYRKGGKGLLPVRWMSPESLKDGVFTTYSDVWSFGVVLWEIATLAEQPYQGLSN
EQVLRFVMEGGLLDKPDNCPDMLFELMRMCWQYNPKMRPSFLEIISSIKEEMEPGFREVSFYYSEENK
;
_entity_poly.pdbx_strand_id   A,B,C
#
loop_
_chem_comp.id
_chem_comp.type
_chem_comp.name
_chem_comp.formula
ANP non-polymer 'PHOSPHOAMINOPHOSPHONIC ACID-ADENYLATE ESTER' 'C10 H17 N6 O12 P3'
MG non-polymer 'MAGNESIUM ION' 'Mg 2'
SO4 non-polymer 'SULFATE ION' 'O4 S -2'
#
# COMPACT_ATOMS: atom_id res chain seq x y z
N ALA A 6 -8.02 4.58 0.22
CA ALA A 6 -6.81 3.93 -0.37
C ALA A 6 -6.47 4.53 -1.73
N ASP A 7 -6.75 3.77 -2.79
CA ASP A 7 -6.46 4.23 -4.14
C ASP A 7 -7.66 4.80 -4.89
N VAL A 8 -7.39 5.82 -5.67
CA VAL A 8 -8.39 6.55 -6.43
C VAL A 8 -7.73 7.21 -7.64
N TYR A 9 -8.45 7.28 -8.75
CA TYR A 9 -7.92 7.94 -9.93
C TYR A 9 -8.83 9.11 -10.32
N VAL A 10 -8.22 10.29 -10.40
CA VAL A 10 -8.90 11.52 -10.77
C VAL A 10 -8.72 11.77 -12.26
N PRO A 11 -9.81 11.72 -13.04
CA PRO A 11 -9.74 11.96 -14.47
C PRO A 11 -9.18 13.35 -14.76
N ASP A 12 -8.57 13.52 -15.92
CA ASP A 12 -8.00 14.81 -16.28
C ASP A 12 -7.96 15.00 -17.79
N GLU A 13 -7.36 16.09 -18.22
CA GLU A 13 -7.27 16.44 -19.63
C GLU A 13 -6.54 15.44 -20.52
N TRP A 14 -5.92 14.43 -19.93
CA TRP A 14 -5.20 13.42 -20.71
C TRP A 14 -6.15 12.37 -21.27
N GLU A 15 -7.38 12.40 -20.80
CA GLU A 15 -8.38 11.45 -21.22
C GLU A 15 -8.65 11.55 -22.70
N VAL A 16 -8.93 10.40 -23.31
CA VAL A 16 -9.27 10.35 -24.73
C VAL A 16 -10.45 9.43 -24.92
N ALA A 17 -11.29 9.78 -25.88
CA ALA A 17 -12.47 8.99 -26.20
C ALA A 17 -12.05 7.67 -26.82
N ARG A 18 -12.50 6.55 -26.26
CA ARG A 18 -12.12 5.25 -26.80
C ARG A 18 -12.61 5.03 -28.23
N GLU A 19 -13.39 5.97 -28.76
CA GLU A 19 -13.88 5.86 -30.13
C GLU A 19 -12.82 6.39 -31.09
N LYS A 20 -11.83 7.09 -30.54
CA LYS A 20 -10.75 7.63 -31.36
C LYS A 20 -9.58 6.67 -31.41
N ILE A 21 -9.68 5.60 -30.61
CA ILE A 21 -8.63 4.59 -30.55
C ILE A 21 -9.04 3.32 -31.26
N THR A 22 -8.09 2.71 -31.97
CA THR A 22 -8.31 1.46 -32.68
C THR A 22 -7.02 0.65 -32.60
N MET A 23 -7.15 -0.63 -32.30
CA MET A 23 -6.00 -1.52 -32.17
C MET A 23 -5.93 -2.52 -33.32
N SER A 24 -4.81 -2.56 -34.02
CA SER A 24 -4.65 -3.49 -35.12
C SER A 24 -4.12 -4.85 -34.66
N ARG A 25 -3.01 -4.86 -33.93
CA ARG A 25 -2.45 -6.13 -33.48
C ARG A 25 -1.67 -6.01 -32.19
N GLU A 26 -1.44 -7.18 -31.57
CA GLU A 26 -0.71 -7.25 -30.32
C GLU A 26 0.78 -7.02 -30.49
N LEU A 27 1.43 -6.49 -29.45
CA LEU A 27 2.86 -6.26 -29.47
C LEU A 27 3.47 -7.21 -28.44
N GLY A 28 2.78 -7.37 -27.32
CA GLY A 28 3.28 -8.25 -26.29
C GLY A 28 2.61 -8.05 -24.94
N GLN A 29 2.59 -9.11 -24.13
CA GLN A 29 1.99 -9.07 -22.81
C GLN A 29 2.76 -8.15 -21.89
N GLY A 30 2.03 -7.41 -21.07
CA GLY A 30 2.64 -6.50 -20.13
C GLY A 30 2.35 -6.95 -18.71
N SER A 31 2.71 -6.13 -17.73
CA SER A 31 2.45 -6.46 -16.34
C SER A 31 0.96 -6.48 -16.03
N PHE A 32 0.20 -5.59 -16.65
CA PHE A 32 -1.24 -5.52 -16.39
C PHE A 32 -2.08 -6.19 -17.47
N GLY A 33 -1.48 -6.44 -18.63
CA GLY A 33 -2.22 -7.06 -19.71
C GLY A 33 -1.54 -6.88 -21.05
N MET A 34 -2.19 -7.39 -22.09
CA MET A 34 -1.66 -7.32 -23.44
C MET A 34 -1.44 -5.89 -23.93
N VAL A 35 -0.32 -5.69 -24.64
CA VAL A 35 -0.01 -4.40 -25.20
C VAL A 35 -0.23 -4.56 -26.70
N TYR A 36 -0.94 -3.61 -27.29
CA TYR A 36 -1.23 -3.65 -28.71
C TYR A 36 -0.66 -2.48 -29.46
N GLU A 37 -0.80 -2.55 -30.77
CA GLU A 37 -0.38 -1.49 -31.66
C GLU A 37 -1.70 -1.00 -32.24
N GLY A 38 -1.76 0.27 -32.63
CA GLY A 38 -3.00 0.77 -33.18
C GLY A 38 -2.86 2.18 -33.63
N VAL A 39 -3.98 2.89 -33.72
CA VAL A 39 -3.99 4.28 -34.13
C VAL A 39 -4.92 5.10 -33.24
N ALA A 40 -4.49 6.34 -32.98
CA ALA A 40 -5.26 7.26 -32.15
C ALA A 40 -5.40 8.56 -32.93
N LYS A 41 -6.63 9.11 -32.94
CA LYS A 41 -6.88 10.34 -33.66
C LYS A 41 -6.74 11.58 -32.80
N GLY A 42 -6.05 12.58 -33.34
CA GLY A 42 -5.86 13.82 -32.60
C GLY A 42 -5.14 13.72 -31.27
N VAL A 43 -4.09 12.92 -31.20
CA VAL A 43 -3.33 12.79 -29.94
C VAL A 43 -2.02 13.55 -30.10
N VAL A 44 -1.75 13.97 -31.34
CA VAL A 44 -0.55 14.73 -31.67
C VAL A 44 -0.97 16.03 -32.37
N LYS A 45 -0.28 17.13 -32.06
CA LYS A 45 -0.60 18.42 -32.66
C LYS A 45 -0.53 18.37 -34.17
N ASP A 46 -1.59 18.84 -34.81
CA ASP A 46 -1.63 18.89 -36.27
C ASP A 46 -1.43 17.53 -36.92
N GLU A 47 -1.81 16.47 -36.22
CA GLU A 47 -1.67 15.11 -36.74
C GLU A 47 -3.01 14.42 -36.57
N PRO A 48 -3.80 14.34 -37.65
CA PRO A 48 -5.13 13.71 -37.69
C PRO A 48 -5.14 12.35 -37.00
N GLU A 49 -4.15 11.55 -37.31
CA GLU A 49 -4.03 10.22 -36.73
C GLU A 49 -2.59 9.94 -36.35
N THR A 50 -2.41 9.02 -35.41
CA THR A 50 -1.09 8.65 -34.94
C THR A 50 -1.02 7.16 -34.60
N ARG A 51 0.09 6.51 -34.97
CA ARG A 51 0.28 5.09 -34.65
C ARG A 51 0.72 5.13 -33.19
N VAL A 52 0.18 4.23 -32.38
CA VAL A 52 0.50 4.23 -30.98
C VAL A 52 0.61 2.82 -30.40
N ALA A 53 1.04 2.75 -29.14
CA ALA A 53 1.14 1.49 -28.43
C ALA A 53 0.01 1.57 -27.41
N ILE A 54 -0.84 0.55 -27.37
CA ILE A 54 -1.99 0.55 -26.46
C ILE A 54 -1.83 -0.44 -25.31
N LYS A 55 -1.55 0.08 -24.12
CA LYS A 55 -1.40 -0.79 -22.96
C LYS A 55 -2.78 -0.98 -22.35
N THR A 56 -3.11 -2.22 -22.06
CA THR A 56 -4.40 -2.54 -21.49
C THR A 56 -4.26 -3.34 -20.21
N VAL A 57 -5.40 -3.55 -19.54
CA VAL A 57 -5.44 -4.33 -18.30
C VAL A 57 -6.42 -5.46 -18.59
N ASN A 58 -6.04 -6.70 -18.26
CA ASN A 58 -6.94 -7.83 -18.53
C ASN A 58 -8.22 -7.74 -17.72
N GLU A 59 -9.30 -8.28 -18.28
CA GLU A 59 -10.60 -8.31 -17.63
C GLU A 59 -10.51 -8.83 -16.21
N ALA A 60 -9.70 -9.87 -16.01
CA ALA A 60 -9.52 -10.49 -14.71
C ALA A 60 -9.10 -9.45 -13.65
N ALA A 61 -8.58 -8.32 -14.11
CA ALA A 61 -8.12 -7.26 -13.23
C ALA A 61 -9.20 -6.63 -12.37
N SER A 62 -8.84 -6.36 -11.12
CA SER A 62 -9.74 -5.74 -10.15
C SER A 62 -9.75 -4.24 -10.38
N MET A 63 -10.36 -3.51 -9.44
CA MET A 63 -10.43 -2.06 -9.55
C MET A 63 -9.08 -1.48 -9.18
N ARG A 64 -8.56 -1.89 -8.02
CA ARG A 64 -7.29 -1.41 -7.53
C ARG A 64 -6.20 -1.53 -8.58
N GLU A 65 -6.17 -2.67 -9.27
CA GLU A 65 -5.17 -2.89 -10.31
C GLU A 65 -5.32 -1.91 -11.45
N ARG A 66 -6.54 -1.84 -11.99
CA ARG A 66 -6.83 -0.93 -13.09
C ARG A 66 -6.49 0.51 -12.71
N ILE A 67 -6.69 0.85 -11.44
CA ILE A 67 -6.39 2.19 -10.94
C ILE A 67 -4.87 2.37 -10.82
N GLU A 68 -4.21 1.35 -10.29
CA GLU A 68 -2.76 1.32 -10.09
C GLU A 68 -2.06 1.47 -11.44
N PHE A 69 -2.63 0.80 -12.43
CA PHE A 69 -2.16 0.83 -13.79
C PHE A 69 -2.21 2.29 -14.24
N LEU A 70 -3.35 2.92 -13.97
CA LEU A 70 -3.58 4.31 -14.34
C LEU A 70 -2.66 5.30 -13.63
N ASN A 71 -2.49 5.15 -12.33
CA ASN A 71 -1.62 6.08 -11.61
C ASN A 71 -0.15 5.89 -11.95
N GLU A 72 0.22 4.68 -12.34
CA GLU A 72 1.60 4.41 -12.69
C GLU A 72 1.91 5.01 -14.05
N ALA A 73 1.00 4.86 -15.00
CA ALA A 73 1.23 5.42 -16.32
C ALA A 73 1.28 6.94 -16.24
N SER A 74 0.64 7.50 -15.21
CA SER A 74 0.58 8.96 -15.02
C SER A 74 1.91 9.63 -14.67
N VAL A 75 2.91 8.90 -14.21
CA VAL A 75 4.19 9.52 -13.91
C VAL A 75 4.71 10.18 -15.16
N MET A 76 4.40 9.56 -16.29
CA MET A 76 4.90 10.04 -17.57
C MET A 76 4.21 11.35 -18.01
N LYS A 77 3.11 11.70 -17.37
CA LYS A 77 2.41 12.93 -17.72
C LYS A 77 3.31 14.13 -17.46
N GLU A 78 4.16 14.00 -16.47
CA GLU A 78 5.04 15.09 -16.10
C GLU A 78 6.19 15.35 -17.07
N PHE A 79 6.56 14.35 -17.83
CA PHE A 79 7.70 14.48 -18.73
C PHE A 79 7.41 14.66 -20.20
N ASN A 80 8.26 15.46 -20.84
CA ASN A 80 8.14 15.72 -22.27
C ASN A 80 9.52 15.97 -22.86
N CYS A 81 10.15 14.90 -23.32
CA CYS A 81 11.47 14.97 -23.92
C CYS A 81 11.43 14.11 -25.16
N HIS A 82 12.16 14.51 -26.19
CA HIS A 82 12.21 13.75 -27.42
C HIS A 82 12.87 12.40 -27.15
N HIS A 83 13.77 12.36 -26.18
CA HIS A 83 14.45 11.13 -25.87
C HIS A 83 13.92 10.31 -24.71
N VAL A 84 12.64 10.48 -24.43
CA VAL A 84 11.96 9.73 -23.38
C VAL A 84 10.64 9.35 -24.05
N VAL A 85 10.27 8.08 -24.00
CA VAL A 85 9.03 7.66 -24.64
C VAL A 85 7.86 8.45 -24.05
N ARG A 86 7.02 8.96 -24.94
CA ARG A 86 5.89 9.79 -24.53
C ARG A 86 4.52 9.15 -24.37
N LEU A 87 3.80 9.64 -23.35
CA LEU A 87 2.43 9.22 -23.07
C LEU A 87 1.59 10.12 -23.95
N LEU A 88 0.60 9.55 -24.64
CA LEU A 88 -0.24 10.36 -25.51
C LEU A 88 -1.65 10.52 -24.99
N GLY A 89 -2.05 9.65 -24.09
CA GLY A 89 -3.39 9.74 -23.56
C GLY A 89 -3.75 8.60 -22.65
N VAL A 90 -4.97 8.65 -22.13
CA VAL A 90 -5.46 7.63 -21.24
C VAL A 90 -6.96 7.45 -21.40
N VAL A 91 -7.44 6.24 -21.13
CA VAL A 91 -8.87 5.94 -21.19
C VAL A 91 -9.21 5.27 -19.87
N SER A 92 -9.59 6.10 -18.90
CA SER A 92 -9.92 5.63 -17.57
C SER A 92 -11.42 5.43 -17.40
N GLN A 93 -12.19 6.13 -18.22
CA GLN A 93 -13.63 6.02 -18.14
C GLN A 93 -14.14 4.81 -18.91
N GLY A 94 -14.54 3.77 -18.19
CA GLY A 94 -15.07 2.58 -18.85
C GLY A 94 -14.11 1.39 -18.94
N GLN A 95 -14.73 0.21 -19.10
CA GLN A 95 -14.03 -1.06 -19.28
C GLN A 95 -13.40 -0.99 -20.67
N PRO A 96 -12.12 -1.36 -20.78
CA PRO A 96 -10.79 -1.70 -21.28
C PRO A 96 -9.96 -0.50 -20.95
N THR A 97 -9.56 -0.45 -19.72
CA THR A 97 -8.73 0.64 -19.20
C THR A 97 -7.49 0.65 -20.08
N LEU A 98 -7.28 1.75 -20.79
CA LEU A 98 -6.15 1.88 -21.70
C LEU A 98 -5.20 3.01 -21.35
N VAL A 99 -4.08 3.00 -22.06
CA VAL A 99 -3.05 3.99 -21.93
C VAL A 99 -2.40 4.02 -23.30
N ILE A 100 -2.39 5.20 -23.92
CA ILE A 100 -1.80 5.36 -25.24
C ILE A 100 -0.38 5.93 -25.13
N MET A 101 0.58 5.18 -25.68
CA MET A 101 1.98 5.56 -25.64
C MET A 101 2.55 5.79 -27.04
N GLU A 102 3.61 6.57 -27.10
CA GLU A 102 4.29 6.83 -28.35
C GLU A 102 4.72 5.43 -28.84
N LEU A 103 4.61 5.18 -30.13
CA LEU A 103 4.96 3.88 -30.68
C LEU A 103 6.45 3.74 -31.00
N MET A 104 7.08 2.70 -30.47
CA MET A 104 8.49 2.41 -30.70
C MET A 104 8.51 1.05 -31.37
N THR A 105 8.32 1.08 -32.69
CA THR A 105 8.25 -0.14 -33.51
C THR A 105 9.37 -1.14 -33.36
N ARG A 106 10.57 -0.70 -33.00
CA ARG A 106 11.70 -1.61 -32.89
C ARG A 106 11.89 -2.30 -31.54
N GLY A 107 11.00 -2.04 -30.60
CA GLY A 107 11.10 -2.67 -29.29
C GLY A 107 12.13 -2.11 -28.34
N ASP A 108 12.47 -2.86 -27.30
CA ASP A 108 13.45 -2.41 -26.32
C ASP A 108 14.84 -2.53 -26.89
N LEU A 109 15.75 -1.70 -26.40
CA LEU A 109 17.12 -1.72 -26.90
C LEU A 109 17.76 -3.10 -26.81
N LYS A 110 17.56 -3.81 -25.72
CA LYS A 110 18.15 -5.12 -25.58
C LYS A 110 17.73 -6.03 -26.72
N SER A 111 16.44 -6.17 -26.93
CA SER A 111 15.92 -7.04 -28.00
C SER A 111 16.43 -6.59 -29.36
N TYR A 112 16.57 -5.28 -29.54
CA TYR A 112 17.07 -4.76 -30.80
C TYR A 112 18.54 -5.15 -31.01
N LEU A 113 19.32 -5.10 -29.93
CA LEU A 113 20.74 -5.44 -30.01
C LEU A 113 20.93 -6.93 -30.26
N ARG A 114 20.15 -7.77 -29.57
CA ARG A 114 20.25 -9.21 -29.75
C ARG A 114 19.91 -9.55 -31.20
N SER A 115 19.11 -8.67 -31.81
CA SER A 115 18.65 -8.82 -33.19
C SER A 115 19.73 -8.67 -34.24
N LEU A 116 20.77 -7.92 -33.93
CA LEU A 116 21.86 -7.71 -34.87
C LEU A 116 22.86 -8.84 -34.71
N ARG A 117 22.70 -9.62 -33.64
CA ARG A 117 23.58 -10.74 -33.33
C ARG A 117 23.96 -11.47 -34.62
N PRO A 118 25.28 -11.66 -34.84
CA PRO A 118 25.81 -12.33 -36.03
C PRO A 118 25.19 -13.70 -36.28
N GLU A 119 24.45 -14.18 -35.29
CA GLU A 119 23.82 -15.49 -35.40
C GLU A 119 22.37 -15.35 -35.82
N VAL A 125 21.44 -9.56 -43.40
CA VAL A 125 22.76 -9.53 -42.78
C VAL A 125 23.22 -8.08 -42.64
N LEU A 126 22.88 -7.46 -41.52
CA LEU A 126 23.24 -6.05 -41.30
C LEU A 126 24.55 -5.84 -40.56
N ALA A 127 25.07 -4.64 -40.69
CA ALA A 127 26.31 -4.26 -40.05
C ALA A 127 26.07 -4.10 -38.55
N PRO A 128 27.06 -4.51 -37.72
CA PRO A 128 27.00 -4.41 -36.26
C PRO A 128 26.95 -2.94 -35.88
N PRO A 129 26.99 -2.62 -34.58
CA PRO A 129 26.92 -1.15 -34.69
C PRO A 129 28.29 -0.51 -34.77
N SER A 130 28.43 0.46 -35.66
CA SER A 130 29.70 1.15 -35.82
C SER A 130 29.85 2.17 -34.69
N LEU A 131 31.09 2.61 -34.45
CA LEU A 131 31.37 3.58 -33.41
C LEU A 131 30.38 4.74 -33.49
N SER A 132 30.16 5.19 -34.72
CA SER A 132 29.23 6.28 -34.97
C SER A 132 27.82 5.95 -34.47
N LYS A 133 27.31 4.78 -34.83
CA LYS A 133 25.97 4.35 -34.42
C LYS A 133 25.84 4.33 -32.90
N MET A 134 26.81 3.69 -32.25
CA MET A 134 26.83 3.57 -30.79
C MET A 134 26.90 4.92 -30.08
N ILE A 135 27.71 5.83 -30.60
CA ILE A 135 27.84 7.17 -30.02
C ILE A 135 26.48 7.87 -30.09
N GLN A 136 25.71 7.55 -31.12
CA GLN A 136 24.40 8.16 -31.28
C GLN A 136 23.45 7.66 -30.18
N MET A 137 23.31 6.35 -30.05
CA MET A 137 22.45 5.76 -29.05
C MET A 137 22.83 6.28 -27.68
N ALA A 138 24.13 6.27 -27.41
CA ALA A 138 24.64 6.75 -26.12
C ALA A 138 24.28 8.20 -25.88
N GLY A 139 24.34 9.02 -26.94
CA GLY A 139 24.00 10.43 -26.81
C GLY A 139 22.53 10.64 -26.55
N GLU A 140 21.71 9.82 -27.20
CA GLU A 140 20.27 9.88 -27.06
C GLU A 140 19.85 9.44 -25.65
N ILE A 141 20.43 8.32 -25.19
CA ILE A 141 20.12 7.80 -23.86
C ILE A 141 20.57 8.79 -22.80
N ALA A 142 21.78 9.32 -22.97
CA ALA A 142 22.33 10.27 -22.01
C ALA A 142 21.49 11.56 -21.99
N ASP A 143 20.95 11.93 -23.15
CA ASP A 143 20.12 13.13 -23.23
C ASP A 143 18.81 12.97 -22.48
N GLY A 144 18.17 11.81 -22.62
CA GLY A 144 16.93 11.57 -21.92
C GLY A 144 17.19 11.48 -20.42
N MET A 145 18.35 10.95 -20.03
CA MET A 145 18.70 10.82 -18.63
C MET A 145 19.05 12.17 -18.02
N ALA A 146 19.71 13.03 -18.78
CA ALA A 146 20.06 14.35 -18.28
C ALA A 146 18.76 15.12 -18.04
N TYR A 147 17.80 14.96 -18.94
CA TYR A 147 16.49 15.61 -18.82
C TYR A 147 15.82 15.14 -17.55
N LEU A 148 15.73 13.82 -17.39
CA LEU A 148 15.11 13.24 -16.22
C LEU A 148 15.78 13.68 -14.94
N ASN A 149 17.10 13.59 -14.89
CA ASN A 149 17.85 14.01 -13.72
C ASN A 149 17.63 15.50 -13.46
N ALA A 150 17.56 16.28 -14.52
CA ALA A 150 17.35 17.72 -14.40
C ALA A 150 15.99 17.95 -13.75
N ASN A 151 15.05 17.05 -14.01
CA ASN A 151 13.71 17.13 -13.45
C ASN A 151 13.57 16.37 -12.15
N LYS A 152 14.66 16.34 -11.40
CA LYS A 152 14.73 15.68 -10.10
C LYS A 152 14.23 14.24 -10.06
N PHE A 153 14.66 13.42 -11.01
CA PHE A 153 14.25 12.03 -11.04
C PHE A 153 15.48 11.13 -11.20
N VAL A 154 15.58 10.11 -10.34
CA VAL A 154 16.67 9.14 -10.42
C VAL A 154 16.00 7.85 -10.85
N HIS A 155 16.31 7.43 -12.07
CA HIS A 155 15.75 6.23 -12.65
C HIS A 155 15.84 4.98 -11.78
N ARG A 156 17.05 4.61 -11.38
CA ARG A 156 17.30 3.45 -10.55
C ARG A 156 17.19 2.09 -11.24
N ASP A 157 16.82 2.07 -12.50
CA ASP A 157 16.74 0.80 -13.21
C ASP A 157 17.08 0.97 -14.68
N LEU A 158 18.12 1.73 -14.97
CA LEU A 158 18.54 1.95 -16.34
C LEU A 158 19.23 0.67 -16.81
N ALA A 159 18.78 0.15 -17.96
CA ALA A 159 19.33 -1.07 -18.54
C ALA A 159 18.88 -1.04 -19.99
N ALA A 160 19.57 -1.74 -20.88
CA ALA A 160 19.18 -1.76 -22.29
C ALA A 160 17.72 -2.16 -22.45
N ARG A 161 17.27 -3.11 -21.63
CA ARG A 161 15.90 -3.58 -21.70
C ARG A 161 14.88 -2.49 -21.34
N ASN A 162 15.33 -1.42 -20.68
CA ASN A 162 14.42 -0.35 -20.30
C ASN A 162 14.46 0.87 -21.23
N CYS A 163 15.09 0.69 -22.38
CA CYS A 163 15.17 1.75 -23.37
C CYS A 163 14.41 1.19 -24.54
N MET A 164 13.88 2.08 -25.38
CA MET A 164 13.10 1.66 -26.53
C MET A 164 13.73 2.19 -27.80
N VAL A 165 13.45 1.50 -28.92
CA VAL A 165 13.99 1.91 -30.22
C VAL A 165 12.88 2.24 -31.22
N ALA A 166 12.96 3.45 -31.76
CA ALA A 166 11.97 3.91 -32.72
C ALA A 166 12.23 3.45 -34.14
N GLU A 167 11.23 3.64 -34.99
CA GLU A 167 11.32 3.25 -36.38
C GLU A 167 12.56 3.82 -37.05
N ASP A 168 12.92 5.04 -36.70
CA ASP A 168 14.09 5.67 -37.29
C ASP A 168 15.34 5.41 -36.48
N PHE A 169 15.29 4.38 -35.63
CA PHE A 169 16.43 3.98 -34.80
C PHE A 169 16.81 4.91 -33.65
N THR A 170 15.95 5.89 -33.36
CA THR A 170 16.20 6.79 -32.25
C THR A 170 15.96 5.99 -30.98
N VAL A 171 16.91 6.04 -30.05
CA VAL A 171 16.77 5.32 -28.80
C VAL A 171 16.24 6.27 -27.75
N LYS A 172 15.30 5.77 -26.96
CA LYS A 172 14.69 6.56 -25.91
C LYS A 172 14.52 5.73 -24.65
N ILE A 173 14.35 6.44 -23.55
CA ILE A 173 14.14 5.83 -22.26
C ILE A 173 12.68 5.47 -22.17
N GLY A 174 12.40 4.20 -21.91
CA GLY A 174 11.03 3.72 -21.82
C GLY A 174 10.26 4.29 -20.66
N ASP A 175 8.93 4.16 -20.73
CA ASP A 175 8.08 4.65 -19.65
C ASP A 175 8.50 3.92 -18.37
N PHE A 176 8.31 4.57 -17.24
CA PHE A 176 8.71 3.98 -15.97
C PHE A 176 7.70 4.24 -14.87
N GLY A 177 7.99 3.70 -13.69
CA GLY A 177 7.14 3.88 -12.54
C GLY A 177 7.83 4.84 -11.58
N MET A 178 7.13 5.23 -10.54
CA MET A 178 7.72 6.15 -9.57
C MET A 178 7.09 5.90 -8.23
N THR A 179 7.90 6.15 -7.19
CA THR A 179 7.50 5.98 -5.79
C THR A 179 8.74 5.74 -4.92
N TYR A 187 12.70 17.16 -3.55
CA TYR A 187 13.68 16.08 -3.42
C TYR A 187 13.78 15.29 -4.73
N TYR A 188 14.70 14.34 -4.79
CA TYR A 188 14.88 13.51 -5.98
C TYR A 188 13.91 12.33 -5.98
N ARG A 189 13.05 12.25 -6.98
CA ARG A 189 12.13 11.13 -7.06
C ARG A 189 12.94 9.93 -7.56
N LYS A 190 12.54 8.74 -7.13
CA LYS A 190 13.24 7.52 -7.53
C LYS A 190 12.29 6.67 -8.36
N GLY A 191 12.79 6.17 -9.48
CA GLY A 191 11.99 5.31 -10.32
C GLY A 191 12.27 3.89 -9.86
N GLY A 192 12.19 2.93 -10.77
CA GLY A 192 12.45 1.55 -10.40
C GLY A 192 11.24 0.85 -9.80
N LYS A 193 11.02 -0.38 -10.24
CA LYS A 193 9.89 -1.19 -9.78
C LYS A 193 10.24 -2.67 -9.90
N GLY A 194 10.08 -3.40 -8.81
CA GLY A 194 10.37 -4.80 -8.83
C GLY A 194 11.70 -5.09 -8.16
N LEU A 195 12.25 -6.26 -8.45
CA LEU A 195 13.52 -6.64 -7.86
C LEU A 195 14.63 -6.05 -8.71
N LEU A 196 15.30 -5.01 -8.20
CA LEU A 196 16.39 -4.38 -8.94
C LEU A 196 17.48 -5.42 -9.25
N PRO A 197 17.97 -5.43 -10.51
CA PRO A 197 19.01 -6.35 -10.98
C PRO A 197 20.42 -5.95 -10.57
N VAL A 198 21.09 -6.87 -9.86
CA VAL A 198 22.44 -6.65 -9.36
C VAL A 198 23.48 -6.21 -10.39
N ARG A 199 23.47 -6.85 -11.56
CA ARG A 199 24.45 -6.56 -12.62
C ARG A 199 24.47 -5.14 -13.18
N TRP A 200 23.51 -4.31 -12.79
CA TRP A 200 23.48 -2.93 -13.28
C TRP A 200 23.67 -1.95 -12.13
N MET A 201 23.67 -2.47 -10.90
CA MET A 201 23.80 -1.62 -9.72
C MET A 201 25.21 -1.14 -9.41
N SER A 202 25.28 0.10 -8.92
CA SER A 202 26.56 0.71 -8.55
C SER A 202 27.02 0.13 -7.22
N PRO A 203 28.31 0.24 -6.93
CA PRO A 203 28.89 -0.26 -5.69
C PRO A 203 28.20 0.28 -4.44
N GLU A 204 27.95 1.59 -4.43
CA GLU A 204 27.32 2.27 -3.30
C GLU A 204 25.85 1.86 -3.15
N SER A 205 25.23 1.50 -4.26
CA SER A 205 23.84 1.05 -4.24
C SER A 205 23.76 -0.33 -3.60
N LEU A 206 24.73 -1.18 -3.95
CA LEU A 206 24.81 -2.55 -3.41
C LEU A 206 25.19 -2.50 -1.95
N LYS A 207 26.16 -1.65 -1.65
CA LYS A 207 26.68 -1.50 -0.30
C LYS A 207 25.79 -0.77 0.67
N ASP A 208 25.33 0.43 0.31
CA ASP A 208 24.49 1.23 1.20
C ASP A 208 23.06 1.47 0.75
N GLY A 209 22.69 0.97 -0.43
CA GLY A 209 21.34 1.18 -0.91
C GLY A 209 21.12 2.62 -1.34
N VAL A 210 22.23 3.27 -1.66
CA VAL A 210 22.25 4.66 -2.08
C VAL A 210 22.11 4.82 -3.59
N PHE A 211 21.11 5.58 -4.01
CA PHE A 211 20.86 5.84 -5.42
C PHE A 211 20.92 7.31 -5.70
N THR A 212 21.69 7.69 -6.72
CA THR A 212 21.83 9.07 -7.11
C THR A 212 21.95 9.18 -8.61
N THR A 213 22.09 10.42 -9.07
CA THR A 213 22.28 10.70 -10.46
C THR A 213 23.56 9.94 -10.89
N TYR A 214 24.51 9.86 -9.95
CA TYR A 214 25.80 9.20 -10.20
C TYR A 214 25.66 7.70 -10.42
N SER A 215 24.78 7.06 -9.67
CA SER A 215 24.56 5.62 -9.82
C SER A 215 23.76 5.36 -11.09
N ASP A 216 23.10 6.39 -11.60
CA ASP A 216 22.36 6.28 -12.85
C ASP A 216 23.41 6.27 -13.95
N VAL A 217 24.47 7.06 -13.74
CA VAL A 217 25.57 7.13 -14.68
C VAL A 217 26.30 5.78 -14.70
N TRP A 218 26.44 5.16 -13.53
CA TRP A 218 27.10 3.87 -13.46
C TRP A 218 26.34 2.90 -14.37
N SER A 219 25.02 2.81 -14.14
CA SER A 219 24.15 1.93 -14.91
C SER A 219 24.22 2.24 -16.40
N PHE A 220 24.46 3.51 -16.71
CA PHE A 220 24.61 3.97 -18.08
C PHE A 220 25.80 3.28 -18.72
N GLY A 221 26.90 3.20 -17.99
CA GLY A 221 28.09 2.54 -18.51
C GLY A 221 27.85 1.07 -18.85
N VAL A 222 27.00 0.42 -18.06
CA VAL A 222 26.68 -0.98 -18.31
C VAL A 222 25.85 -1.14 -19.58
N VAL A 223 24.97 -0.19 -19.89
CA VAL A 223 24.18 -0.33 -21.12
C VAL A 223 25.06 -0.04 -22.34
N LEU A 224 26.09 0.78 -22.15
CA LEU A 224 27.04 1.08 -23.22
C LEU A 224 27.77 -0.22 -23.51
N TRP A 225 28.00 -0.97 -22.43
CA TRP A 225 28.68 -2.25 -22.52
C TRP A 225 27.72 -3.26 -23.14
N GLU A 226 26.43 -3.08 -22.89
CA GLU A 226 25.43 -3.98 -23.47
C GLU A 226 25.42 -3.75 -24.96
N ILE A 227 25.40 -2.48 -25.32
CA ILE A 227 25.40 -2.07 -26.71
C ILE A 227 26.60 -2.69 -27.39
N ALA A 228 27.77 -2.43 -26.82
CA ALA A 228 29.02 -2.93 -27.35
C ALA A 228 29.12 -4.45 -27.44
N THR A 229 28.33 -5.18 -26.65
CA THR A 229 28.36 -6.64 -26.68
C THR A 229 27.11 -7.26 -27.31
N LEU A 230 26.33 -6.43 -28.00
CA LEU A 230 25.08 -6.87 -28.61
C LEU A 230 24.27 -7.60 -27.56
N ALA A 231 24.23 -6.96 -26.39
CA ALA A 231 23.51 -7.42 -25.22
C ALA A 231 23.90 -8.77 -24.59
N GLU A 232 25.15 -8.89 -24.16
CA GLU A 232 25.58 -10.12 -23.49
C GLU A 232 25.20 -9.89 -22.04
N GLN A 233 25.26 -10.91 -21.22
CA GLN A 233 24.92 -10.73 -19.82
C GLN A 233 26.13 -10.16 -19.09
N PRO A 234 25.94 -9.02 -18.39
CA PRO A 234 27.07 -8.42 -17.66
C PRO A 234 27.56 -9.40 -16.60
N TYR A 235 28.88 -9.55 -16.50
CA TYR A 235 29.46 -10.46 -15.52
C TYR A 235 28.96 -11.88 -15.79
N GLN A 236 28.78 -12.17 -17.07
CA GLN A 236 28.31 -13.48 -17.51
C GLN A 236 29.21 -14.58 -16.94
N GLY A 237 28.59 -15.58 -16.31
CA GLY A 237 29.37 -16.66 -15.74
C GLY A 237 29.37 -16.61 -14.23
N LEU A 238 29.25 -15.41 -13.68
CA LEU A 238 29.24 -15.22 -12.24
C LEU A 238 27.81 -15.12 -11.74
N SER A 239 27.56 -15.56 -10.51
CA SER A 239 26.22 -15.46 -9.94
C SER A 239 26.05 -14.02 -9.47
N ASN A 240 24.81 -13.58 -9.34
CA ASN A 240 24.53 -12.22 -8.88
C ASN A 240 25.19 -12.03 -7.53
N GLU A 241 25.18 -13.11 -6.74
CA GLU A 241 25.75 -13.15 -5.42
C GLU A 241 27.24 -12.81 -5.50
N GLN A 242 27.91 -13.41 -6.47
CA GLN A 242 29.34 -13.17 -6.65
C GLN A 242 29.57 -11.81 -7.27
N VAL A 243 28.63 -11.36 -8.10
CA VAL A 243 28.77 -10.05 -8.74
C VAL A 243 28.67 -8.97 -7.65
N LEU A 244 27.74 -9.20 -6.71
CA LEU A 244 27.51 -8.29 -5.60
C LEU A 244 28.86 -7.96 -4.98
N ARG A 245 29.61 -9.00 -4.63
CA ARG A 245 30.92 -8.83 -4.01
C ARG A 245 31.97 -8.28 -4.95
N PHE A 246 32.07 -8.87 -6.13
CA PHE A 246 33.05 -8.41 -7.12
C PHE A 246 32.96 -6.90 -7.29
N VAL A 247 31.80 -6.42 -7.73
CA VAL A 247 31.57 -5.00 -7.96
C VAL A 247 31.83 -4.14 -6.73
N MET A 248 31.40 -4.62 -5.57
CA MET A 248 31.62 -3.87 -4.35
C MET A 248 33.11 -3.81 -4.04
N GLU A 249 33.86 -4.74 -4.62
CA GLU A 249 35.30 -4.84 -4.40
C GLU A 249 36.15 -4.07 -5.41
N GLY A 250 35.51 -3.28 -6.27
CA GLY A 250 36.25 -2.53 -7.27
C GLY A 250 36.32 -3.29 -8.57
N GLY A 251 35.65 -4.43 -8.63
CA GLY A 251 35.65 -5.23 -9.84
C GLY A 251 34.87 -4.50 -10.92
N LEU A 252 35.29 -4.66 -12.17
CA LEU A 252 34.63 -4.01 -13.30
C LEU A 252 34.41 -4.99 -14.45
N LEU A 253 33.58 -4.58 -15.42
CA LEU A 253 33.32 -5.41 -16.60
C LEU A 253 34.52 -5.32 -17.55
N ASP A 254 34.73 -6.40 -18.31
CA ASP A 254 35.84 -6.48 -19.26
C ASP A 254 35.59 -5.65 -20.51
N LYS A 255 36.67 -5.24 -21.16
CA LYS A 255 36.54 -4.47 -22.38
C LYS A 255 36.08 -5.42 -23.47
N PRO A 256 34.89 -5.18 -24.05
CA PRO A 256 34.36 -6.04 -25.12
C PRO A 256 35.39 -6.35 -26.21
N ASP A 257 35.29 -7.56 -26.77
CA ASP A 257 36.18 -8.05 -27.81
C ASP A 257 36.80 -7.05 -28.80
N ASN A 258 35.96 -6.28 -29.47
CA ASN A 258 36.46 -5.32 -30.44
C ASN A 258 35.89 -3.96 -30.13
N CYS A 259 35.72 -3.68 -28.84
CA CYS A 259 35.17 -2.40 -28.40
C CYS A 259 36.08 -1.22 -28.73
N PRO A 260 35.52 -0.17 -29.34
CA PRO A 260 36.30 1.03 -29.67
C PRO A 260 36.91 1.59 -28.39
N ASP A 261 38.19 1.96 -28.45
CA ASP A 261 38.87 2.49 -27.28
C ASP A 261 38.09 3.61 -26.60
N MET A 262 37.67 4.59 -27.40
CA MET A 262 36.91 5.72 -26.90
C MET A 262 35.64 5.28 -26.16
N LEU A 263 34.93 4.31 -26.71
CA LEU A 263 33.71 3.84 -26.11
C LEU A 263 34.00 3.24 -24.74
N PHE A 264 35.07 2.43 -24.66
CA PHE A 264 35.43 1.83 -23.39
C PHE A 264 35.90 2.88 -22.40
N GLU A 265 36.38 4.01 -22.92
CA GLU A 265 36.84 5.11 -22.06
C GLU A 265 35.65 5.60 -21.24
N LEU A 266 34.54 5.84 -21.93
CA LEU A 266 33.31 6.29 -21.29
C LEU A 266 32.94 5.34 -20.18
N MET A 267 32.82 4.06 -20.53
CA MET A 267 32.49 3.02 -19.56
C MET A 267 33.32 3.19 -18.31
N ARG A 268 34.63 3.17 -18.47
CA ARG A 268 35.55 3.31 -17.36
C ARG A 268 35.32 4.56 -16.52
N MET A 269 34.90 5.67 -17.14
CA MET A 269 34.65 6.86 -16.34
C MET A 269 33.33 6.75 -15.58
N CYS A 270 32.33 6.15 -16.22
CA CYS A 270 31.02 5.96 -15.58
C CYS A 270 31.18 4.96 -14.45
N TRP A 271 32.28 4.22 -14.45
CA TRP A 271 32.53 3.22 -13.42
C TRP A 271 33.53 3.61 -12.33
N GLN A 272 33.77 4.92 -12.16
CA GLN A 272 34.67 5.35 -11.11
C GLN A 272 34.02 4.87 -9.83
N TYR A 273 34.79 4.23 -8.97
CA TYR A 273 34.23 3.73 -7.72
C TYR A 273 33.59 4.86 -6.93
N ASN A 274 34.26 6.01 -6.90
CA ASN A 274 33.74 7.17 -6.21
C ASN A 274 32.80 7.91 -7.14
N PRO A 275 31.51 7.97 -6.77
CA PRO A 275 30.43 8.61 -7.52
C PRO A 275 30.75 10.01 -8.02
N LYS A 276 31.36 10.81 -7.15
CA LYS A 276 31.72 12.18 -7.49
C LYS A 276 32.73 12.22 -8.65
N MET A 277 33.44 11.12 -8.88
CA MET A 277 34.44 11.10 -9.94
C MET A 277 33.85 10.77 -11.31
N ARG A 278 32.60 10.28 -11.31
CA ARG A 278 31.92 9.96 -12.54
C ARG A 278 31.34 11.24 -13.15
N PRO A 279 31.26 11.29 -14.49
CA PRO A 279 30.72 12.46 -15.20
C PRO A 279 29.20 12.48 -15.12
N SER A 280 28.60 13.63 -15.34
CA SER A 280 27.14 13.72 -15.31
C SER A 280 26.72 13.41 -16.74
N PHE A 281 25.43 13.22 -16.96
CA PHE A 281 24.96 12.92 -18.30
C PHE A 281 25.20 14.11 -19.22
N LEU A 282 25.15 15.31 -18.66
CA LEU A 282 25.41 16.50 -19.45
C LEU A 282 26.89 16.53 -19.85
N GLU A 283 27.76 16.11 -18.94
CA GLU A 283 29.20 16.08 -19.23
C GLU A 283 29.49 14.96 -20.22
N ILE A 284 28.75 13.85 -20.11
CA ILE A 284 28.92 12.74 -21.03
C ILE A 284 28.61 13.29 -22.43
N ILE A 285 27.43 13.89 -22.56
CA ILE A 285 26.98 14.44 -23.83
C ILE A 285 27.94 15.48 -24.34
N SER A 286 28.27 16.42 -23.48
CA SER A 286 29.18 17.49 -23.83
C SER A 286 30.42 16.95 -24.53
N SER A 287 30.96 15.85 -24.01
CA SER A 287 32.16 15.25 -24.56
C SER A 287 31.99 14.43 -25.85
N ILE A 288 30.75 14.20 -26.28
CA ILE A 288 30.53 13.44 -27.52
C ILE A 288 29.57 14.15 -28.47
N LYS A 289 29.07 15.31 -28.07
CA LYS A 289 28.12 16.04 -28.89
C LYS A 289 28.56 16.23 -30.33
N GLU A 290 29.84 16.48 -30.54
CA GLU A 290 30.36 16.68 -31.89
C GLU A 290 30.23 15.44 -32.79
N GLU A 291 30.22 14.27 -32.17
CA GLU A 291 30.10 13.03 -32.91
C GLU A 291 28.62 12.60 -33.04
N MET A 292 27.73 13.54 -32.75
CA MET A 292 26.29 13.27 -32.83
C MET A 292 25.79 13.65 -34.22
N GLU A 293 24.59 13.20 -34.56
CA GLU A 293 24.01 13.52 -35.87
C GLU A 293 23.61 14.98 -35.88
N PRO A 294 23.37 15.55 -37.07
CA PRO A 294 22.98 16.96 -37.23
C PRO A 294 21.65 17.34 -36.54
N GLY A 295 20.69 16.43 -36.60
CA GLY A 295 19.40 16.71 -35.98
C GLY A 295 19.41 16.83 -34.48
N PHE A 296 20.38 16.20 -33.83
CA PHE A 296 20.48 16.22 -32.38
C PHE A 296 20.29 17.62 -31.77
N ARG A 297 20.92 18.63 -32.36
CA ARG A 297 20.81 19.98 -31.84
C ARG A 297 19.39 20.50 -31.78
N GLU A 298 18.55 20.03 -32.68
CA GLU A 298 17.18 20.50 -32.71
C GLU A 298 16.23 19.79 -31.76
N VAL A 299 16.44 18.50 -31.54
CA VAL A 299 15.57 17.70 -30.66
C VAL A 299 16.08 17.41 -29.26
N SER A 300 17.36 17.62 -29.01
CA SER A 300 17.94 17.34 -27.70
C SER A 300 17.59 18.28 -26.55
N PHE A 301 17.54 17.71 -25.34
CA PHE A 301 17.27 18.48 -24.15
C PHE A 301 18.53 19.31 -23.91
N TYR A 302 19.68 18.68 -24.16
CA TYR A 302 20.97 19.30 -23.99
C TYR A 302 21.04 20.65 -24.67
N TYR A 303 20.66 20.69 -25.95
CA TYR A 303 20.69 21.94 -26.71
C TYR A 303 19.40 22.74 -26.58
N SER A 304 18.51 22.33 -25.68
CA SER A 304 17.24 23.01 -25.50
C SER A 304 17.37 24.25 -24.63
N GLU A 305 16.33 25.08 -24.66
CA GLU A 305 16.30 26.31 -23.88
C GLU A 305 16.14 25.90 -22.43
N GLU A 306 15.49 24.76 -22.24
CA GLU A 306 15.24 24.24 -20.92
C GLU A 306 16.53 23.90 -20.14
N ASN A 307 17.59 23.50 -20.85
CA ASN A 307 18.83 23.14 -20.18
C ASN A 307 19.63 24.33 -19.67
N LYS A 308 19.51 24.57 -18.38
CA LYS A 308 20.19 25.66 -17.69
C LYS A 308 19.68 25.67 -16.26
N ALA B 6 -2.94 0.75 6.49
CA ALA B 6 -2.33 0.00 7.63
C ALA B 6 -2.29 -1.49 7.33
N ASP B 7 -1.34 -2.18 7.93
CA ASP B 7 -1.24 -3.62 7.79
C ASP B 7 -1.47 -4.18 9.19
N VAL B 8 -2.16 -3.36 10.01
CA VAL B 8 -2.53 -3.71 11.38
C VAL B 8 -3.81 -3.00 11.84
N TYR B 9 -4.69 -3.74 12.53
CA TYR B 9 -5.94 -3.19 13.07
C TYR B 9 -5.93 -3.31 14.60
N VAL B 10 -6.12 -2.18 15.28
CA VAL B 10 -6.14 -2.15 16.74
C VAL B 10 -7.58 -2.15 17.28
N PRO B 11 -7.98 -3.25 17.94
CA PRO B 11 -9.34 -3.33 18.48
C PRO B 11 -9.68 -2.17 19.42
N ASP B 12 -10.95 -1.82 19.46
CA ASP B 12 -11.38 -0.73 20.32
C ASP B 12 -12.82 -0.93 20.79
N GLU B 13 -13.32 0.08 21.49
CA GLU B 13 -14.67 0.05 22.06
C GLU B 13 -15.83 -0.12 21.08
N TRP B 14 -15.55 -0.08 19.78
CA TRP B 14 -16.59 -0.25 18.76
C TRP B 14 -16.90 -1.71 18.51
N GLU B 15 -16.06 -2.58 19.05
CA GLU B 15 -16.22 -4.00 18.88
C GLU B 15 -17.53 -4.51 19.47
N VAL B 16 -18.12 -5.46 18.80
CA VAL B 16 -19.34 -6.09 19.27
C VAL B 16 -19.25 -7.61 19.17
N ALA B 17 -19.83 -8.27 20.13
CA ALA B 17 -19.82 -9.73 20.17
C ALA B 17 -20.66 -10.25 19.00
N ARG B 18 -20.08 -11.15 18.19
CA ARG B 18 -20.81 -11.69 17.05
C ARG B 18 -22.04 -12.50 17.46
N GLU B 19 -22.22 -12.71 18.76
CA GLU B 19 -23.37 -13.45 19.24
C GLU B 19 -24.56 -12.52 19.36
N LYS B 20 -24.32 -11.22 19.28
CA LYS B 20 -25.38 -10.24 19.38
C LYS B 20 -25.87 -9.86 18.00
N ILE B 21 -25.17 -10.36 16.98
CA ILE B 21 -25.52 -10.07 15.60
C ILE B 21 -26.17 -11.26 14.93
N THR B 22 -27.18 -10.99 14.10
CA THR B 22 -27.89 -12.02 13.36
C THR B 22 -28.27 -11.42 12.00
N MET B 23 -28.07 -12.19 10.95
CA MET B 23 -28.37 -11.73 9.60
C MET B 23 -29.55 -12.50 9.02
N SER B 24 -30.56 -11.77 8.56
CA SER B 24 -31.73 -12.41 7.96
C SER B 24 -31.58 -12.64 6.46
N ARG B 25 -31.28 -11.59 5.69
CA ARG B 25 -31.10 -11.75 4.25
C ARG B 25 -30.11 -10.78 3.63
N GLU B 26 -29.66 -11.11 2.44
CA GLU B 26 -28.69 -10.31 1.70
C GLU B 26 -29.31 -9.03 1.16
N LEU B 27 -28.49 -8.00 1.02
CA LEU B 27 -28.95 -6.73 0.48
C LEU B 27 -28.24 -6.53 -0.85
N GLY B 28 -26.98 -6.93 -0.91
CA GLY B 28 -26.25 -6.77 -2.15
C GLY B 28 -24.75 -6.90 -1.95
N GLN B 29 -24.06 -7.29 -3.01
CA GLN B 29 -22.63 -7.45 -2.94
C GLN B 29 -21.96 -6.12 -2.69
N GLY B 30 -20.79 -6.18 -2.06
CA GLY B 30 -20.04 -4.97 -1.80
C GLY B 30 -18.65 -5.16 -2.37
N SER B 31 -17.77 -4.22 -2.10
CA SER B 31 -16.41 -4.30 -2.60
C SER B 31 -15.65 -5.44 -1.92
N PHE B 32 -15.93 -5.68 -0.65
CA PHE B 32 -15.23 -6.73 0.07
C PHE B 32 -16.03 -8.02 0.20
N GLY B 33 -17.34 -7.92 -0.01
CA GLY B 33 -18.19 -9.08 0.10
C GLY B 33 -19.66 -8.74 0.22
N MET B 34 -20.48 -9.78 0.38
CA MET B 34 -21.91 -9.60 0.49
C MET B 34 -22.31 -8.73 1.68
N VAL B 35 -23.32 -7.89 1.45
CA VAL B 35 -23.86 -7.03 2.47
C VAL B 35 -25.22 -7.61 2.80
N TYR B 36 -25.49 -7.78 4.09
CA TYR B 36 -26.74 -8.36 4.56
C TYR B 36 -27.53 -7.40 5.41
N GLU B 37 -28.74 -7.83 5.75
CA GLU B 37 -29.61 -7.09 6.62
C GLU B 37 -29.70 -8.01 7.83
N GLY B 38 -29.94 -7.45 9.00
CA GLY B 38 -30.05 -8.28 10.18
C GLY B 38 -30.41 -7.47 11.40
N VAL B 39 -30.10 -7.99 12.57
CA VAL B 39 -30.38 -7.31 13.81
C VAL B 39 -29.19 -7.37 14.75
N ALA B 40 -28.98 -6.29 15.49
CA ALA B 40 -27.89 -6.21 16.44
C ALA B 40 -28.46 -5.77 17.77
N LYS B 41 -28.05 -6.43 18.84
CA LYS B 41 -28.54 -6.11 20.16
C LYS B 41 -27.67 -5.11 20.91
N GLY B 42 -28.31 -4.11 21.52
CA GLY B 42 -27.59 -3.11 22.28
C GLY B 42 -26.57 -2.30 21.51
N VAL B 43 -26.88 -1.91 20.28
CA VAL B 43 -25.96 -1.09 19.49
C VAL B 43 -26.45 0.36 19.48
N VAL B 44 -27.67 0.54 19.96
CA VAL B 44 -28.30 1.86 20.07
C VAL B 44 -28.72 2.09 21.50
N LYS B 45 -28.56 3.32 21.98
CA LYS B 45 -28.92 3.65 23.36
C LYS B 45 -30.40 3.36 23.65
N ASP B 46 -30.63 2.64 24.74
CA ASP B 46 -31.98 2.31 25.16
C ASP B 46 -32.77 1.58 24.07
N GLU B 47 -32.07 0.83 23.22
CA GLU B 47 -32.71 0.06 22.17
C GLU B 47 -32.19 -1.36 22.24
N PRO B 48 -32.97 -2.27 22.84
CA PRO B 48 -32.64 -3.70 23.02
C PRO B 48 -32.09 -4.31 21.74
N GLU B 49 -32.76 -4.03 20.64
CA GLU B 49 -32.36 -4.55 19.35
C GLU B 49 -32.47 -3.49 18.27
N THR B 50 -31.71 -3.67 17.20
CA THR B 50 -31.70 -2.70 16.11
C THR B 50 -31.53 -3.42 14.76
N ARG B 51 -32.27 -2.99 13.75
CA ARG B 51 -32.14 -3.57 12.42
C ARG B 51 -30.90 -2.86 11.88
N VAL B 52 -30.04 -3.62 11.22
CA VAL B 52 -28.81 -3.04 10.71
C VAL B 52 -28.40 -3.62 9.37
N ALA B 53 -27.35 -3.04 8.79
CA ALA B 53 -26.81 -3.52 7.53
C ALA B 53 -25.49 -4.18 7.93
N ILE B 54 -25.28 -5.41 7.51
CA ILE B 54 -24.05 -6.11 7.87
C ILE B 54 -23.10 -6.28 6.70
N LYS B 55 -22.02 -5.54 6.71
CA LYS B 55 -21.02 -5.64 5.65
C LYS B 55 -20.02 -6.72 6.04
N THR B 56 -19.73 -7.61 5.10
CA THR B 56 -18.81 -8.70 5.37
C THR B 56 -17.72 -8.75 4.33
N VAL B 57 -16.75 -9.63 4.57
CA VAL B 57 -15.63 -9.85 3.67
C VAL B 57 -15.68 -11.33 3.29
N ASN B 58 -15.57 -11.65 2.00
CA ASN B 58 -15.64 -13.05 1.59
C ASN B 58 -14.47 -13.85 2.12
N GLU B 59 -14.70 -15.15 2.35
CA GLU B 59 -13.69 -16.07 2.86
C GLU B 59 -12.41 -15.98 2.05
N ALA B 60 -12.57 -15.87 0.74
CA ALA B 60 -11.44 -15.78 -0.18
C ALA B 60 -10.49 -14.64 0.20
N ALA B 61 -11.00 -13.70 0.99
CA ALA B 61 -10.22 -12.53 1.42
C ALA B 61 -9.01 -12.85 2.29
N SER B 62 -7.92 -12.13 2.04
CA SER B 62 -6.67 -12.29 2.77
C SER B 62 -6.77 -11.51 4.08
N MET B 63 -5.64 -11.40 4.77
CA MET B 63 -5.62 -10.66 6.02
C MET B 63 -5.63 -9.17 5.73
N ARG B 64 -4.74 -8.75 4.84
CA ARG B 64 -4.63 -7.34 4.46
C ARG B 64 -5.98 -6.77 4.06
N GLU B 65 -6.72 -7.53 3.25
CA GLU B 65 -8.03 -7.07 2.81
C GLU B 65 -8.99 -6.91 3.99
N ARG B 66 -9.09 -7.96 4.80
CA ARG B 66 -9.97 -7.92 5.96
C ARG B 66 -9.60 -6.77 6.90
N ILE B 67 -8.32 -6.45 6.98
CA ILE B 67 -7.85 -5.36 7.83
C ILE B 67 -8.19 -4.02 7.19
N GLU B 68 -7.96 -3.95 5.88
CA GLU B 68 -8.25 -2.77 5.08
C GLU B 68 -9.73 -2.43 5.22
N PHE B 69 -10.54 -3.46 5.05
CA PHE B 69 -11.99 -3.35 5.17
C PHE B 69 -12.27 -2.67 6.51
N LEU B 70 -11.62 -3.16 7.55
CA LEU B 70 -11.79 -2.65 8.91
C LEU B 70 -11.34 -1.21 9.08
N ASN B 71 -10.17 -0.87 8.56
CA ASN B 71 -9.67 0.50 8.70
C ASN B 71 -10.48 1.49 7.89
N GLU B 72 -11.04 1.03 6.77
CA GLU B 72 -11.83 1.90 5.93
C GLU B 72 -13.16 2.19 6.60
N ALA B 73 -13.78 1.17 7.18
CA ALA B 73 -15.05 1.38 7.85
C ALA B 73 -14.85 2.29 9.05
N SER B 74 -13.65 2.30 9.60
CA SER B 74 -13.34 3.11 10.76
C SER B 74 -13.38 4.62 10.56
N VAL B 75 -13.27 5.09 9.32
CA VAL B 75 -13.36 6.54 9.08
C VAL B 75 -14.64 7.06 9.67
N MET B 76 -15.70 6.27 9.53
CA MET B 76 -17.01 6.61 10.04
C MET B 76 -17.12 6.71 11.57
N LYS B 77 -16.13 6.17 12.27
CA LYS B 77 -16.15 6.22 13.73
C LYS B 77 -16.09 7.65 14.22
N GLU B 78 -15.43 8.50 13.44
CA GLU B 78 -15.27 9.89 13.80
C GLU B 78 -16.53 10.75 13.65
N PHE B 79 -17.45 10.32 12.80
CA PHE B 79 -18.65 11.11 12.54
C PHE B 79 -19.94 10.66 13.20
N ASN B 80 -20.75 11.65 13.56
CA ASN B 80 -22.03 11.40 14.17
C ASN B 80 -23.01 12.49 13.81
N CYS B 81 -23.73 12.29 12.72
CA CYS B 81 -24.71 13.26 12.25
C CYS B 81 -25.94 12.47 11.82
N HIS B 82 -27.11 13.05 12.08
CA HIS B 82 -28.34 12.40 11.70
C HIS B 82 -28.42 12.22 10.18
N HIS B 83 -27.77 13.13 9.46
CA HIS B 83 -27.80 13.06 8.00
C HIS B 83 -26.58 12.43 7.32
N VAL B 84 -25.89 11.57 8.06
CA VAL B 84 -24.74 10.83 7.53
C VAL B 84 -25.01 9.43 8.06
N VAL B 85 -24.93 8.43 7.18
CA VAL B 85 -25.19 7.07 7.64
C VAL B 85 -24.21 6.70 8.74
N ARG B 86 -24.75 6.12 9.81
CA ARG B 86 -23.96 5.76 10.97
C ARG B 86 -23.41 4.34 11.12
N LEU B 87 -22.19 4.26 11.64
CA LEU B 87 -21.53 3.00 11.94
C LEU B 87 -22.03 2.64 13.35
N LEU B 88 -22.42 1.39 13.55
CA LEU B 88 -22.92 0.99 14.86
C LEU B 88 -21.98 0.06 15.60
N GLY B 89 -21.06 -0.57 14.87
CA GLY B 89 -20.12 -1.46 15.52
C GLY B 89 -19.25 -2.19 14.54
N VAL B 90 -18.38 -3.04 15.07
CA VAL B 90 -17.47 -3.81 14.24
C VAL B 90 -17.17 -5.15 14.90
N VAL B 91 -16.87 -6.16 14.08
CA VAL B 91 -16.49 -7.46 14.58
C VAL B 91 -15.18 -7.81 13.90
N SER B 92 -14.08 -7.45 14.55
CA SER B 92 -12.74 -7.68 14.02
C SER B 92 -12.13 -8.96 14.58
N GLN B 93 -12.61 -9.38 15.74
CA GLN B 93 -12.09 -10.57 16.37
C GLN B 93 -12.77 -11.83 15.82
N GLY B 94 -12.05 -12.58 15.00
CA GLY B 94 -12.60 -13.79 14.45
C GLY B 94 -13.08 -13.74 13.02
N GLN B 95 -13.12 -14.92 12.39
CA GLN B 95 -13.58 -15.08 11.01
C GLN B 95 -15.11 -14.86 11.08
N PRO B 96 -15.62 -14.07 10.12
CA PRO B 96 -16.56 -13.31 9.31
C PRO B 96 -16.41 -11.87 9.81
N THR B 97 -15.35 -11.26 9.36
CA THR B 97 -15.03 -9.89 9.71
C THR B 97 -16.27 -9.08 9.28
N LEU B 98 -16.91 -8.45 10.26
CA LEU B 98 -18.11 -7.69 10.00
C LEU B 98 -18.02 -6.21 10.34
N VAL B 99 -19.02 -5.48 9.90
CA VAL B 99 -19.15 -4.06 10.15
C VAL B 99 -20.65 -3.80 10.19
N ILE B 100 -21.14 -3.28 11.31
CA ILE B 100 -22.56 -3.00 11.46
C ILE B 100 -22.85 -1.54 11.16
N MET B 101 -23.73 -1.30 10.20
CA MET B 101 -24.10 0.05 9.79
C MET B 101 -25.57 0.31 10.03
N GLU B 102 -25.91 1.59 10.13
CA GLU B 102 -27.29 2.01 10.27
C GLU B 102 -27.98 1.47 9.02
N LEU B 103 -29.20 0.93 9.19
CA LEU B 103 -29.95 0.37 8.06
C LEU B 103 -30.73 1.43 7.26
N MET B 104 -30.48 1.49 5.95
CA MET B 104 -31.16 2.39 5.02
C MET B 104 -31.94 1.49 4.08
N THR B 105 -33.12 1.06 4.50
CA THR B 105 -33.96 0.15 3.73
C THR B 105 -34.26 0.49 2.29
N ARG B 106 -34.27 1.78 1.95
CA ARG B 106 -34.58 2.18 0.58
C ARG B 106 -33.42 2.25 -0.39
N GLY B 107 -32.22 1.91 0.07
CA GLY B 107 -31.04 1.91 -0.79
C GLY B 107 -30.43 3.27 -1.09
N ASP B 108 -29.62 3.33 -2.15
CA ASP B 108 -28.97 4.57 -2.54
C ASP B 108 -29.95 5.51 -3.23
N LEU B 109 -29.70 6.81 -3.12
CA LEU B 109 -30.60 7.77 -3.71
C LEU B 109 -30.82 7.53 -5.19
N LYS B 110 -29.76 7.18 -5.92
CA LYS B 110 -29.93 6.97 -7.34
C LYS B 110 -30.96 5.89 -7.64
N SER B 111 -30.78 4.73 -7.02
CA SER B 111 -31.69 3.60 -7.21
C SER B 111 -33.10 3.97 -6.79
N TYR B 112 -33.22 4.76 -5.73
CA TYR B 112 -34.52 5.18 -5.26
C TYR B 112 -35.20 6.09 -6.28
N LEU B 113 -34.42 6.97 -6.91
CA LEU B 113 -34.96 7.90 -7.91
C LEU B 113 -35.38 7.18 -9.19
N ARG B 114 -34.57 6.23 -9.62
CA ARG B 114 -34.88 5.47 -10.82
C ARG B 114 -36.17 4.68 -10.63
N SER B 115 -36.48 4.33 -9.39
CA SER B 115 -37.68 3.56 -9.11
C SER B 115 -38.98 4.37 -9.26
N LEU B 116 -38.88 5.70 -9.23
CA LEU B 116 -40.06 6.55 -9.36
C LEU B 116 -40.39 6.71 -10.84
N ARG B 117 -39.43 6.39 -11.69
CA ARG B 117 -39.60 6.47 -13.13
C ARG B 117 -40.76 5.59 -13.58
N PRO B 118 -41.28 5.85 -14.79
CA PRO B 118 -42.40 5.07 -15.33
C PRO B 118 -41.95 3.81 -16.09
N PRO B 128 -41.36 14.09 -11.56
CA PRO B 128 -40.54 13.78 -10.38
C PRO B 128 -41.08 14.42 -9.09
N PRO B 129 -40.72 13.84 -7.91
CA PRO B 129 -41.02 14.22 -6.53
C PRO B 129 -41.48 15.69 -6.59
N SER B 130 -42.29 16.13 -5.64
CA SER B 130 -42.75 17.51 -5.65
C SER B 130 -41.65 18.44 -5.17
N LEU B 131 -41.77 19.72 -5.51
CA LEU B 131 -40.80 20.72 -5.10
C LEU B 131 -40.49 20.56 -3.62
N SER B 132 -41.54 20.35 -2.84
CA SER B 132 -41.40 20.17 -1.42
C SER B 132 -40.50 18.98 -1.08
N LYS B 133 -40.78 17.84 -1.70
CA LYS B 133 -40.01 16.62 -1.47
C LYS B 133 -38.53 16.85 -1.77
N MET B 134 -38.27 17.40 -2.95
CA MET B 134 -36.92 17.67 -3.40
C MET B 134 -36.15 18.62 -2.49
N ILE B 135 -36.82 19.67 -2.05
CA ILE B 135 -36.20 20.64 -1.14
C ILE B 135 -35.81 19.93 0.14
N GLN B 136 -36.56 18.91 0.52
CA GLN B 136 -36.26 18.17 1.73
C GLN B 136 -34.95 17.38 1.56
N MET B 137 -34.89 16.56 0.51
CA MET B 137 -33.70 15.76 0.23
C MET B 137 -32.50 16.65 0.14
N ALA B 138 -32.64 17.74 -0.60
CA ALA B 138 -31.55 18.69 -0.78
C ALA B 138 -31.10 19.27 0.56
N GLY B 139 -32.05 19.54 1.45
CA GLY B 139 -31.71 20.10 2.75
C GLY B 139 -30.97 19.10 3.60
N GLU B 140 -31.41 17.84 3.54
CA GLU B 140 -30.81 16.75 4.30
C GLU B 140 -29.39 16.49 3.79
N ILE B 141 -29.23 16.41 2.48
CA ILE B 141 -27.93 16.19 1.89
C ILE B 141 -27.00 17.34 2.23
N ALA B 142 -27.49 18.56 2.07
CA ALA B 142 -26.67 19.73 2.34
C ALA B 142 -26.29 19.78 3.82
N ASP B 143 -27.17 19.30 4.67
CA ASP B 143 -26.91 19.30 6.11
C ASP B 143 -25.79 18.33 6.48
N GLY B 144 -25.80 17.16 5.86
CA GLY B 144 -24.78 16.17 6.14
C GLY B 144 -23.44 16.65 5.60
N MET B 145 -23.50 17.38 4.48
CA MET B 145 -22.29 17.89 3.86
C MET B 145 -21.71 19.06 4.64
N ALA B 146 -22.57 19.88 5.20
CA ALA B 146 -22.09 21.01 5.98
C ALA B 146 -21.40 20.44 7.21
N TYR B 147 -21.98 19.40 7.78
CA TYR B 147 -21.39 18.75 8.96
C TYR B 147 -20.02 18.22 8.63
N LEU B 148 -19.94 17.44 7.55
CA LEU B 148 -18.69 16.86 7.10
C LEU B 148 -17.64 17.94 6.82
N ASN B 149 -18.03 18.95 6.06
CA ASN B 149 -17.12 20.03 5.75
C ASN B 149 -16.70 20.75 7.03
N ALA B 150 -17.63 20.91 7.96
CA ALA B 150 -17.33 21.55 9.23
C ALA B 150 -16.27 20.73 9.96
N ASN B 151 -16.30 19.42 9.75
CA ASN B 151 -15.33 18.53 10.38
C ASN B 151 -14.11 18.27 9.51
N LYS B 152 -13.75 19.30 8.74
CA LYS B 152 -12.59 19.26 7.86
C LYS B 152 -12.51 18.06 6.94
N PHE B 153 -13.60 17.76 6.25
CA PHE B 153 -13.62 16.64 5.32
C PHE B 153 -14.22 17.07 3.99
N VAL B 154 -13.52 16.77 2.90
CA VAL B 154 -14.00 17.08 1.56
C VAL B 154 -14.31 15.73 0.94
N HIS B 155 -15.60 15.49 0.71
CA HIS B 155 -16.07 14.23 0.14
C HIS B 155 -15.38 13.78 -1.14
N ARG B 156 -15.41 14.63 -2.15
CA ARG B 156 -14.78 14.35 -3.45
C ARG B 156 -15.51 13.35 -4.34
N ASP B 157 -16.60 12.77 -3.86
CA ASP B 157 -17.35 11.85 -4.71
C ASP B 157 -18.82 11.89 -4.38
N LEU B 158 -19.35 13.10 -4.24
CA LEU B 158 -20.77 13.27 -3.96
C LEU B 158 -21.54 13.01 -5.24
N ALA B 159 -22.50 12.10 -5.18
CA ALA B 159 -23.35 11.74 -6.33
C ALA B 159 -24.56 11.07 -5.72
N ALA B 160 -25.68 11.02 -6.44
CA ALA B 160 -26.88 10.39 -5.91
C ALA B 160 -26.62 8.97 -5.44
N ARG B 161 -25.76 8.27 -6.17
CA ARG B 161 -25.44 6.91 -5.82
C ARG B 161 -24.71 6.77 -4.49
N ASN B 162 -24.13 7.86 -4.01
CA ASN B 162 -23.41 7.81 -2.74
C ASN B 162 -24.20 8.33 -1.58
N CYS B 163 -25.50 8.47 -1.77
CA CYS B 163 -26.39 8.93 -0.73
C CYS B 163 -27.30 7.76 -0.49
N MET B 164 -27.83 7.63 0.72
CA MET B 164 -28.72 6.54 1.07
C MET B 164 -30.09 7.06 1.48
N VAL B 165 -31.11 6.20 1.33
CA VAL B 165 -32.48 6.57 1.68
C VAL B 165 -33.05 5.66 2.77
N ALA B 166 -33.49 6.29 3.86
CA ALA B 166 -34.05 5.56 4.98
C ALA B 166 -35.52 5.19 4.79
N GLU B 167 -36.00 4.32 5.65
CA GLU B 167 -37.38 3.86 5.63
C GLU B 167 -38.36 5.03 5.61
N ASP B 168 -38.04 6.08 6.36
CA ASP B 168 -38.90 7.24 6.41
C ASP B 168 -38.53 8.28 5.35
N PHE B 169 -37.81 7.84 4.33
CA PHE B 169 -37.40 8.69 3.21
C PHE B 169 -36.35 9.75 3.50
N THR B 170 -35.75 9.69 4.69
CA THR B 170 -34.71 10.64 5.04
C THR B 170 -33.48 10.26 4.22
N VAL B 171 -32.92 11.24 3.52
CA VAL B 171 -31.74 10.98 2.71
C VAL B 171 -30.51 11.33 3.54
N LYS B 172 -29.49 10.49 3.43
CA LYS B 172 -28.25 10.68 4.15
C LYS B 172 -27.08 10.35 3.27
N ILE B 173 -25.93 10.87 3.66
CA ILE B 173 -24.69 10.64 2.94
C ILE B 173 -24.17 9.28 3.38
N GLY B 174 -23.96 8.40 2.41
CA GLY B 174 -23.48 7.06 2.71
C GLY B 174 -22.09 7.02 3.31
N ASP B 175 -21.73 5.87 3.89
CA ASP B 175 -20.41 5.71 4.48
C ASP B 175 -19.39 5.90 3.37
N PHE B 176 -18.20 6.36 3.72
CA PHE B 176 -17.18 6.62 2.72
C PHE B 176 -15.81 6.21 3.19
N GLY B 177 -14.84 6.39 2.31
CA GLY B 177 -13.46 6.07 2.64
C GLY B 177 -12.68 7.36 2.76
N MET B 178 -11.38 7.25 2.96
CA MET B 178 -10.55 8.44 3.08
C MET B 178 -9.14 8.14 2.64
N THR B 179 -8.64 8.95 1.73
CA THR B 179 -7.29 8.79 1.20
C THR B 179 -6.40 9.92 1.72
N TYR B 187 -5.37 21.04 7.63
CA TYR B 187 -6.08 21.01 6.37
C TYR B 187 -7.14 19.89 6.37
N TYR B 188 -7.97 19.90 5.34
CA TYR B 188 -9.06 18.94 5.20
C TYR B 188 -8.67 17.53 4.80
N ARG B 189 -9.52 16.57 5.16
CA ARG B 189 -9.33 15.18 4.80
C ARG B 189 -10.04 15.10 3.46
N LYS B 190 -9.61 14.17 2.61
CA LYS B 190 -10.24 14.03 1.31
C LYS B 190 -10.85 12.63 1.22
N GLY B 191 -12.11 12.57 0.81
CA GLY B 191 -12.76 11.30 0.66
C GLY B 191 -12.54 10.85 -0.76
N GLY B 192 -13.36 9.93 -1.24
CA GLY B 192 -13.21 9.46 -2.60
C GLY B 192 -12.37 8.21 -2.66
N LYS B 193 -12.84 7.25 -3.45
CA LYS B 193 -12.15 5.97 -3.58
C LYS B 193 -12.50 5.38 -4.95
N GLY B 194 -11.47 5.13 -5.76
CA GLY B 194 -11.71 4.58 -7.08
C GLY B 194 -11.49 5.59 -8.18
N LEU B 195 -12.02 5.32 -9.35
CA LEU B 195 -11.87 6.25 -10.45
C LEU B 195 -12.97 7.31 -10.32
N LEU B 196 -12.60 8.53 -9.95
CA LEU B 196 -13.59 9.59 -9.81
C LEU B 196 -14.32 9.81 -11.14
N PRO B 197 -15.66 9.94 -11.10
CA PRO B 197 -16.50 10.15 -12.29
C PRO B 197 -16.51 11.59 -12.79
N VAL B 198 -16.12 11.76 -14.05
CA VAL B 198 -16.06 13.07 -14.68
C VAL B 198 -17.34 13.92 -14.60
N ARG B 199 -18.49 13.31 -14.87
CA ARG B 199 -19.77 14.02 -14.86
C ARG B 199 -20.19 14.70 -13.57
N TRP B 200 -19.44 14.50 -12.48
CA TRP B 200 -19.80 15.13 -11.21
C TRP B 200 -18.69 16.07 -10.77
N MET B 201 -17.60 16.09 -11.53
CA MET B 201 -16.43 16.91 -11.16
C MET B 201 -16.52 18.39 -11.53
N SER B 202 -15.98 19.24 -10.68
CA SER B 202 -16.00 20.67 -10.91
C SER B 202 -14.92 21.00 -11.95
N PRO B 203 -15.04 22.16 -12.61
CA PRO B 203 -14.09 22.62 -13.62
C PRO B 203 -12.64 22.64 -13.11
N GLU B 204 -12.46 23.19 -11.91
CA GLU B 204 -11.14 23.28 -11.29
C GLU B 204 -10.59 21.92 -10.92
N SER B 205 -11.46 20.97 -10.62
CA SER B 205 -11.04 19.63 -10.28
C SER B 205 -10.53 18.93 -11.53
N LEU B 206 -11.23 19.14 -12.65
CA LEU B 206 -10.85 18.55 -13.93
C LEU B 206 -9.59 19.20 -14.46
N LYS B 207 -9.53 20.52 -14.29
CA LYS B 207 -8.41 21.31 -14.77
C LYS B 207 -7.14 21.20 -13.94
N ASP B 208 -7.25 21.45 -12.64
CA ASP B 208 -6.09 21.41 -11.76
C ASP B 208 -6.05 20.30 -10.72
N GLY B 209 -7.09 19.49 -10.67
CA GLY B 209 -7.12 18.41 -9.68
C GLY B 209 -7.33 18.95 -8.28
N VAL B 210 -7.92 20.15 -8.23
CA VAL B 210 -8.20 20.84 -6.99
C VAL B 210 -9.58 20.48 -6.43
N PHE B 211 -9.60 20.01 -5.19
CA PHE B 211 -10.84 19.65 -4.51
C PHE B 211 -11.03 20.45 -3.24
N THR B 212 -12.19 21.06 -3.10
CA THR B 212 -12.49 21.87 -1.92
C THR B 212 -13.94 21.71 -1.53
N THR B 213 -14.31 22.43 -0.49
CA THR B 213 -15.67 22.43 -0.03
C THR B 213 -16.52 22.94 -1.21
N TYR B 214 -15.94 23.86 -1.99
CA TYR B 214 -16.64 24.45 -3.12
C TYR B 214 -16.93 23.47 -4.23
N SER B 215 -15.99 22.54 -4.48
CA SER B 215 -16.17 21.54 -5.52
C SER B 215 -17.17 20.48 -5.04
N ASP B 216 -17.35 20.40 -3.72
CA ASP B 216 -18.32 19.49 -3.15
C ASP B 216 -19.68 20.09 -3.45
N VAL B 217 -19.74 21.41 -3.42
CA VAL B 217 -20.98 22.14 -3.68
C VAL B 217 -21.34 21.97 -5.16
N TRP B 218 -20.33 21.99 -6.01
CA TRP B 218 -20.57 21.79 -7.44
C TRP B 218 -21.26 20.45 -7.63
N SER B 219 -20.66 19.41 -7.08
CA SER B 219 -21.19 18.04 -7.17
C SER B 219 -22.60 17.96 -6.58
N PHE B 220 -22.86 18.79 -5.58
CA PHE B 220 -24.17 18.86 -4.95
C PHE B 220 -25.19 19.28 -5.99
N GLY B 221 -24.85 20.29 -6.78
CA GLY B 221 -25.79 20.75 -7.79
C GLY B 221 -26.13 19.66 -8.79
N VAL B 222 -25.19 18.78 -9.08
CA VAL B 222 -25.41 17.71 -10.04
C VAL B 222 -26.37 16.67 -9.46
N VAL B 223 -26.30 16.42 -8.15
CA VAL B 223 -27.23 15.45 -7.57
C VAL B 223 -28.63 16.07 -7.53
N LEU B 224 -28.72 17.39 -7.37
CA LEU B 224 -30.00 18.08 -7.37
C LEU B 224 -30.60 17.86 -8.75
N TRP B 225 -29.72 17.86 -9.74
CA TRP B 225 -30.12 17.67 -11.11
C TRP B 225 -30.50 16.21 -11.31
N GLU B 226 -29.84 15.32 -10.56
CA GLU B 226 -30.14 13.90 -10.65
C GLU B 226 -31.52 13.70 -10.08
N ILE B 227 -31.76 14.31 -8.93
CA ILE B 227 -33.05 14.24 -8.28
C ILE B 227 -34.13 14.70 -9.25
N ALA B 228 -33.92 15.91 -9.78
CA ALA B 228 -34.86 16.52 -10.71
C ALA B 228 -35.09 15.72 -12.00
N THR B 229 -34.16 14.85 -12.37
CA THR B 229 -34.30 14.06 -13.60
C THR B 229 -34.56 12.58 -13.31
N LEU B 230 -34.91 12.26 -12.07
CA LEU B 230 -35.13 10.87 -11.65
C LEU B 230 -33.93 10.06 -12.09
N ALA B 231 -32.76 10.64 -11.82
CA ALA B 231 -31.46 10.05 -12.10
C ALA B 231 -31.12 9.75 -13.55
N GLU B 232 -31.10 10.77 -14.40
CA GLU B 232 -30.71 10.58 -15.79
C GLU B 232 -29.20 10.72 -15.73
N GLN B 233 -28.51 10.36 -16.81
CA GLN B 233 -27.07 10.50 -16.82
C GLN B 233 -26.71 11.95 -17.15
N PRO B 234 -25.91 12.59 -16.28
CA PRO B 234 -25.52 13.98 -16.54
C PRO B 234 -24.75 14.06 -17.86
N TYR B 235 -25.08 15.07 -18.68
CA TYR B 235 -24.40 15.22 -19.95
C TYR B 235 -24.62 13.97 -20.80
N GLN B 236 -25.79 13.37 -20.65
CA GLN B 236 -26.16 12.16 -21.38
C GLN B 236 -25.99 12.38 -22.87
N GLY B 237 -25.28 11.47 -23.53
CA GLY B 237 -25.06 11.60 -24.96
C GLY B 237 -23.62 11.96 -25.29
N LEU B 238 -22.97 12.66 -24.37
CA LEU B 238 -21.58 13.07 -24.56
C LEU B 238 -20.67 12.09 -23.85
N SER B 239 -19.46 11.93 -24.38
CA SER B 239 -18.50 11.04 -23.75
C SER B 239 -17.88 11.80 -22.59
N ASN B 240 -17.35 11.07 -21.62
CA ASN B 240 -16.72 11.72 -20.48
C ASN B 240 -15.63 12.64 -20.99
N GLU B 241 -14.96 12.22 -22.05
CA GLU B 241 -13.89 12.96 -22.66
C GLU B 241 -14.40 14.30 -23.14
N GLN B 242 -15.59 14.29 -23.75
CA GLN B 242 -16.19 15.53 -24.24
C GLN B 242 -16.74 16.35 -23.10
N VAL B 243 -17.22 15.68 -22.06
CA VAL B 243 -17.75 16.37 -20.89
C VAL B 243 -16.59 17.11 -20.20
N LEU B 244 -15.43 16.47 -20.14
CA LEU B 244 -14.22 17.02 -19.54
C LEU B 244 -14.03 18.42 -20.12
N ARG B 245 -14.02 18.51 -21.44
CA ARG B 245 -13.82 19.78 -22.12
C ARG B 245 -14.99 20.75 -21.99
N PHE B 246 -16.20 20.24 -22.21
CA PHE B 246 -17.39 21.06 -22.11
C PHE B 246 -17.41 21.80 -20.77
N VAL B 247 -17.45 21.05 -19.68
CA VAL B 247 -17.47 21.62 -18.34
C VAL B 247 -16.32 22.58 -18.06
N MET B 248 -15.12 22.21 -18.50
CA MET B 248 -13.96 23.08 -18.29
C MET B 248 -14.13 24.36 -19.09
N GLU B 249 -14.99 24.30 -20.11
CA GLU B 249 -15.25 25.45 -20.98
C GLU B 249 -16.42 26.33 -20.55
N GLY B 250 -16.94 26.09 -19.35
CA GLY B 250 -18.05 26.88 -18.88
C GLY B 250 -19.38 26.23 -19.23
N GLY B 251 -19.32 25.04 -19.81
CA GLY B 251 -20.54 24.35 -20.17
C GLY B 251 -21.27 23.88 -18.92
N LEU B 252 -22.59 23.84 -18.97
CA LEU B 252 -23.39 23.42 -17.81
C LEU B 252 -24.50 22.46 -18.24
N LEU B 253 -25.12 21.81 -17.26
CA LEU B 253 -26.21 20.89 -17.52
C LEU B 253 -27.47 21.69 -17.85
N ASP B 254 -28.35 21.11 -18.67
CA ASP B 254 -29.60 21.74 -19.07
C ASP B 254 -30.64 21.72 -17.97
N LYS B 255 -31.57 22.67 -18.01
CA LYS B 255 -32.62 22.73 -17.02
C LYS B 255 -33.58 21.58 -17.31
N PRO B 256 -33.76 20.68 -16.33
CA PRO B 256 -34.67 19.54 -16.52
C PRO B 256 -36.04 19.94 -17.05
N ASP B 257 -36.62 19.06 -17.87
CA ASP B 257 -37.93 19.27 -18.50
C ASP B 257 -38.94 20.10 -17.73
N ASN B 258 -39.29 19.69 -16.52
CA ASN B 258 -40.28 20.43 -15.75
C ASN B 258 -39.71 20.83 -14.40
N CYS B 259 -38.41 21.14 -14.40
CA CYS B 259 -37.73 21.52 -13.17
C CYS B 259 -38.22 22.83 -12.58
N PRO B 260 -38.53 22.83 -11.28
CA PRO B 260 -39.01 24.05 -10.61
C PRO B 260 -37.95 25.14 -10.76
N ASP B 261 -38.37 26.35 -11.10
CA ASP B 261 -37.44 27.45 -11.30
C ASP B 261 -36.49 27.59 -10.13
N MET B 262 -37.03 27.60 -8.93
CA MET B 262 -36.22 27.75 -7.74
C MET B 262 -35.16 26.65 -7.60
N LEU B 263 -35.54 25.44 -7.94
CA LEU B 263 -34.62 24.31 -7.85
C LEU B 263 -33.46 24.52 -8.80
N PHE B 264 -33.77 24.94 -10.02
CA PHE B 264 -32.74 25.17 -11.01
C PHE B 264 -31.85 26.35 -10.62
N GLU B 265 -32.41 27.25 -9.81
CA GLU B 265 -31.65 28.41 -9.34
C GLU B 265 -30.47 27.91 -8.53
N LEU B 266 -30.75 27.01 -7.59
CA LEU B 266 -29.73 26.43 -6.74
C LEU B 266 -28.63 25.86 -7.60
N MET B 267 -29.03 24.97 -8.52
CA MET B 267 -28.09 24.32 -9.44
C MET B 267 -27.15 25.35 -10.02
N ARG B 268 -27.70 26.36 -10.67
CA ARG B 268 -26.92 27.41 -11.29
C ARG B 268 -25.97 28.11 -10.33
N MET B 269 -26.35 28.18 -9.05
CA MET B 269 -25.53 28.82 -8.02
C MET B 269 -24.36 27.92 -7.65
N CYS B 270 -24.65 26.64 -7.55
CA CYS B 270 -23.64 25.64 -7.22
C CYS B 270 -22.67 25.48 -8.38
N TRP B 271 -23.10 25.93 -9.56
CA TRP B 271 -22.28 25.80 -10.76
C TRP B 271 -21.56 27.06 -11.20
N GLN B 272 -21.32 27.98 -10.28
CA GLN B 272 -20.59 29.18 -10.63
C GLN B 272 -19.22 28.67 -11.00
N TYR B 273 -18.68 29.12 -12.13
CA TYR B 273 -17.37 28.67 -12.56
C TYR B 273 -16.33 28.96 -11.49
N ASN B 274 -16.41 30.15 -10.91
CA ASN B 274 -15.50 30.54 -9.85
C ASN B 274 -16.05 29.99 -8.53
N PRO B 275 -15.30 29.07 -7.90
CA PRO B 275 -15.62 28.41 -6.64
C PRO B 275 -16.08 29.33 -5.53
N LYS B 276 -15.36 30.45 -5.38
CA LYS B 276 -15.69 31.43 -4.35
C LYS B 276 -17.09 32.01 -4.59
N MET B 277 -17.53 31.90 -5.84
CA MET B 277 -18.82 32.42 -6.24
C MET B 277 -19.98 31.50 -5.89
N ARG B 278 -19.68 30.27 -5.48
CA ARG B 278 -20.70 29.29 -5.10
C ARG B 278 -21.01 29.40 -3.60
N PRO B 279 -22.25 29.06 -3.20
CA PRO B 279 -22.64 29.12 -1.80
C PRO B 279 -22.08 27.93 -1.03
N SER B 280 -22.02 28.05 0.30
CA SER B 280 -21.54 26.95 1.12
C SER B 280 -22.79 26.14 1.41
N PHE B 281 -22.63 24.94 1.97
CA PHE B 281 -23.77 24.10 2.29
C PHE B 281 -24.63 24.76 3.37
N LEU B 282 -23.99 25.52 4.24
CA LEU B 282 -24.72 26.23 5.28
C LEU B 282 -25.55 27.34 4.63
N GLU B 283 -24.98 28.01 3.63
CA GLU B 283 -25.70 29.06 2.93
C GLU B 283 -26.81 28.46 2.10
N ILE B 284 -26.57 27.28 1.55
CA ILE B 284 -27.58 26.59 0.77
C ILE B 284 -28.76 26.35 1.69
N ILE B 285 -28.48 25.72 2.83
CA ILE B 285 -29.50 25.38 3.82
C ILE B 285 -30.21 26.64 4.30
N SER B 286 -29.42 27.61 4.72
CA SER B 286 -29.94 28.86 5.20
C SER B 286 -31.04 29.40 4.29
N SER B 287 -30.79 29.36 2.98
CA SER B 287 -31.75 29.87 2.01
C SER B 287 -32.92 28.97 1.74
N ILE B 288 -32.93 27.81 2.38
CA ILE B 288 -33.98 26.85 2.09
C ILE B 288 -34.64 26.28 3.33
N LYS B 289 -34.06 26.57 4.48
CA LYS B 289 -34.53 26.08 5.77
C LYS B 289 -36.03 26.22 6.04
N GLU B 290 -36.61 27.35 5.64
CA GLU B 290 -38.02 27.58 5.86
C GLU B 290 -38.91 26.59 5.13
N GLU B 291 -38.42 26.07 4.01
CA GLU B 291 -39.19 25.11 3.22
C GLU B 291 -38.90 23.68 3.66
N MET B 292 -38.25 23.54 4.81
CA MET B 292 -37.91 22.23 5.35
C MET B 292 -39.03 21.74 6.26
N GLU B 293 -39.03 20.46 6.59
CA GLU B 293 -40.04 19.89 7.47
C GLU B 293 -39.81 20.39 8.88
N PRO B 294 -40.83 20.24 9.75
CA PRO B 294 -40.73 20.68 11.14
C PRO B 294 -39.64 19.99 11.97
N GLY B 295 -39.47 18.70 11.74
CA GLY B 295 -38.46 17.94 12.48
C GLY B 295 -37.02 18.33 12.22
N PHE B 296 -36.77 18.93 11.05
CA PHE B 296 -35.42 19.35 10.68
C PHE B 296 -34.67 20.08 11.78
N ARG B 297 -35.32 21.05 12.42
CA ARG B 297 -34.69 21.83 13.46
C ARG B 297 -34.17 20.98 14.61
N GLU B 298 -34.82 19.85 14.83
CA GLU B 298 -34.43 18.98 15.93
C GLU B 298 -33.27 18.03 15.64
N VAL B 299 -33.19 17.56 14.40
CA VAL B 299 -32.15 16.61 14.00
C VAL B 299 -30.99 17.15 13.17
N SER B 300 -31.15 18.34 12.62
CA SER B 300 -30.12 18.93 11.77
C SER B 300 -28.85 19.42 12.47
N PHE B 301 -27.74 19.33 11.73
CA PHE B 301 -26.45 19.81 12.23
C PHE B 301 -26.57 21.34 12.21
N TYR B 302 -27.21 21.84 11.15
CA TYR B 302 -27.40 23.26 10.95
C TYR B 302 -27.96 23.94 12.19
N TYR B 303 -29.05 23.37 12.72
CA TYR B 303 -29.67 23.93 13.92
C TYR B 303 -29.09 23.37 15.21
N SER B 304 -28.00 22.61 15.10
CA SER B 304 -27.37 22.02 16.28
C SER B 304 -26.49 23.01 17.04
N GLU B 305 -26.14 22.66 18.26
CA GLU B 305 -25.28 23.48 19.10
C GLU B 305 -23.88 23.41 18.50
N GLU B 306 -23.60 22.27 17.89
CA GLU B 306 -22.33 22.00 17.25
C GLU B 306 -22.06 22.97 16.11
N ASN B 307 -23.13 23.57 15.58
CA ASN B 307 -22.97 24.49 14.46
C ASN B 307 -22.38 25.86 14.81
N LYS B 308 -21.18 26.11 14.28
CA LYS B 308 -20.42 27.34 14.48
C LYS B 308 -20.78 28.14 15.74
N ALA C 6 5.82 1.54 -6.08
CA ALA C 6 5.42 1.26 -4.67
C ALA C 6 5.69 -0.20 -4.28
N ASP C 7 6.85 -0.72 -4.67
CA ASP C 7 7.21 -2.12 -4.39
C ASP C 7 8.62 -2.47 -4.91
N VAL C 8 9.66 -2.05 -4.20
CA VAL C 8 11.02 -2.34 -4.67
C VAL C 8 11.94 -2.93 -3.61
N TYR C 9 12.74 -3.94 -4.00
CA TYR C 9 13.68 -4.53 -3.07
C TYR C 9 15.10 -4.31 -3.56
N VAL C 10 15.92 -3.70 -2.71
CA VAL C 10 17.31 -3.44 -3.04
C VAL C 10 18.18 -4.56 -2.44
N PRO C 11 18.85 -5.35 -3.28
CA PRO C 11 19.72 -6.45 -2.80
C PRO C 11 20.85 -5.92 -1.93
N ASP C 12 21.33 -6.74 -0.98
CA ASP C 12 22.40 -6.34 -0.07
C ASP C 12 23.26 -7.52 0.39
N GLU C 13 24.19 -7.26 1.30
CA GLU C 13 25.10 -8.28 1.80
C GLU C 13 24.47 -9.48 2.50
N TRP C 14 23.15 -9.44 2.72
CA TRP C 14 22.45 -10.56 3.38
C TRP C 14 22.14 -11.68 2.40
N GLU C 15 22.30 -11.38 1.12
CA GLU C 15 22.02 -12.34 0.07
C GLU C 15 22.88 -13.58 0.18
N VAL C 16 22.30 -14.73 -0.18
CA VAL C 16 23.04 -15.98 -0.15
C VAL C 16 22.73 -16.74 -1.43
N ALA C 17 23.73 -17.44 -1.95
CA ALA C 17 23.58 -18.23 -3.14
C ALA C 17 22.65 -19.42 -2.85
N ARG C 18 21.59 -19.57 -3.64
CA ARG C 18 20.64 -20.66 -3.43
C ARG C 18 21.27 -22.04 -3.60
N GLU C 19 22.54 -22.08 -4.01
CA GLU C 19 23.25 -23.34 -4.17
C GLU C 19 23.82 -23.79 -2.83
N LYS C 20 23.84 -22.87 -1.87
CA LYS C 20 24.35 -23.18 -0.54
C LYS C 20 23.21 -23.62 0.38
N ILE C 21 21.98 -23.49 -0.13
CA ILE C 21 20.80 -23.84 0.64
C ILE C 21 20.21 -25.16 0.15
N THR C 22 19.74 -25.96 1.10
CA THR C 22 19.10 -27.24 0.80
C THR C 22 18.00 -27.46 1.83
N MET C 23 16.84 -27.90 1.36
CA MET C 23 15.69 -28.12 2.23
C MET C 23 15.37 -29.60 2.35
N SER C 24 15.32 -30.10 3.58
CA SER C 24 15.01 -31.51 3.79
C SER C 24 13.50 -31.77 3.93
N ARG C 25 12.84 -31.12 4.89
CA ARG C 25 11.40 -31.30 5.09
C ARG C 25 10.64 -30.04 5.49
N GLU C 26 9.32 -30.06 5.24
CA GLU C 26 8.46 -28.94 5.58
C GLU C 26 8.28 -28.82 7.08
N LEU C 27 8.03 -27.60 7.55
CA LEU C 27 7.79 -27.38 8.97
C LEU C 27 6.33 -26.93 9.11
N GLY C 28 5.87 -26.13 8.15
CA GLY C 28 4.50 -25.66 8.19
C GLY C 28 4.28 -24.49 7.25
N GLN C 29 3.07 -24.39 6.71
CA GLN C 29 2.74 -23.30 5.81
C GLN C 29 2.82 -21.97 6.56
N GLY C 30 3.17 -20.91 5.84
CA GLY C 30 3.27 -19.59 6.43
C GLY C 30 2.34 -18.64 5.72
N SER C 31 2.46 -17.34 6.01
CA SER C 31 1.60 -16.36 5.37
C SER C 31 1.90 -16.25 3.88
N PHE C 32 3.16 -16.38 3.50
CA PHE C 32 3.54 -16.28 2.10
C PHE C 32 3.77 -17.62 1.42
N GLY C 33 3.92 -18.67 2.21
CA GLY C 33 4.15 -19.98 1.62
C GLY C 33 4.72 -20.96 2.63
N MET C 34 4.97 -22.17 2.15
CA MET C 34 5.49 -23.24 3.00
C MET C 34 6.83 -22.90 3.61
N VAL C 35 6.98 -23.27 4.87
CA VAL C 35 8.22 -23.06 5.61
C VAL C 35 8.86 -24.45 5.72
N TYR C 36 10.15 -24.52 5.40
CA TYR C 36 10.86 -25.79 5.45
C TYR C 36 12.01 -25.75 6.42
N GLU C 37 12.60 -26.92 6.60
CA GLU C 37 13.76 -27.06 7.44
C GLU C 37 14.83 -27.45 6.43
N GLY C 38 16.09 -27.15 6.73
CA GLY C 38 17.14 -27.51 5.81
C GLY C 38 18.51 -27.15 6.34
N VAL C 39 19.46 -26.96 5.44
CA VAL C 39 20.81 -26.59 5.82
C VAL C 39 21.36 -25.50 4.91
N ALA C 40 22.13 -24.59 5.50
CA ALA C 40 22.74 -23.49 4.77
C ALA C 40 24.22 -23.50 5.09
N LYS C 41 25.04 -23.34 4.06
CA LYS C 41 26.49 -23.35 4.25
C LYS C 41 27.07 -21.95 4.45
N GLY C 42 27.96 -21.82 5.44
CA GLY C 42 28.58 -20.54 5.70
C GLY C 42 27.66 -19.39 6.02
N VAL C 43 26.62 -19.64 6.84
CA VAL C 43 25.71 -18.56 7.23
C VAL C 43 26.02 -18.17 8.68
N VAL C 44 26.87 -18.97 9.34
CA VAL C 44 27.28 -18.72 10.71
C VAL C 44 28.81 -18.70 10.74
N LYS C 45 29.36 -17.81 11.56
CA LYS C 45 30.81 -17.68 11.67
C LYS C 45 31.46 -19.00 12.09
N ASP C 46 32.47 -19.41 11.34
CA ASP C 46 33.20 -20.63 11.66
C ASP C 46 32.30 -21.85 11.73
N GLU C 47 31.22 -21.83 10.97
CA GLU C 47 30.29 -22.96 10.94
C GLU C 47 30.05 -23.31 9.47
N PRO C 48 30.74 -24.35 8.97
CA PRO C 48 30.64 -24.84 7.60
C PRO C 48 29.20 -24.95 7.13
N GLU C 49 28.37 -25.54 7.99
CA GLU C 49 26.96 -25.72 7.68
C GLU C 49 26.11 -25.40 8.90
N THR C 50 24.85 -25.06 8.63
CA THR C 50 23.92 -24.71 9.70
C THR C 50 22.51 -25.19 9.35
N ARG C 51 21.81 -25.73 10.34
CA ARG C 51 20.44 -26.17 10.14
C ARG C 51 19.65 -24.87 10.23
N VAL C 52 18.69 -24.69 9.33
CA VAL C 52 17.91 -23.47 9.32
C VAL C 52 16.46 -23.69 8.98
N ALA C 53 15.68 -22.61 9.07
CA ALA C 53 14.27 -22.64 8.73
C ALA C 53 14.21 -21.87 7.43
N ILE C 54 13.60 -22.46 6.40
CA ILE C 54 13.51 -21.79 5.11
C ILE C 54 12.11 -21.30 4.77
N LYS C 55 11.90 -19.99 4.84
CA LYS C 55 10.59 -19.44 4.52
C LYS C 55 10.57 -19.17 3.04
N THR C 56 9.48 -19.58 2.38
CA THR C 56 9.36 -19.39 0.95
C THR C 56 8.05 -18.70 0.61
N VAL C 57 7.91 -18.35 -0.67
CA VAL C 57 6.71 -17.71 -1.19
C VAL C 57 6.18 -18.64 -2.28
N ASN C 58 4.88 -18.95 -2.26
CA ASN C 58 4.33 -19.84 -3.27
C ASN C 58 4.41 -19.25 -4.67
N GLU C 59 4.56 -20.11 -5.66
CA GLU C 59 4.65 -19.71 -7.06
C GLU C 59 3.51 -18.75 -7.42
N ALA C 60 2.31 -19.05 -6.94
CA ALA C 60 1.13 -18.23 -7.21
C ALA C 60 1.38 -16.76 -6.85
N ALA C 61 2.38 -16.52 -6.01
CA ALA C 61 2.71 -15.17 -5.56
C ALA C 61 3.17 -14.21 -6.66
N SER C 62 2.69 -12.97 -6.56
CA SER C 62 3.03 -11.92 -7.50
C SER C 62 4.39 -11.35 -7.15
N MET C 63 4.75 -10.24 -7.79
CA MET C 63 6.02 -9.60 -7.52
C MET C 63 5.92 -8.84 -6.20
N ARG C 64 4.89 -8.01 -6.09
CA ARG C 64 4.66 -7.20 -4.89
C ARG C 64 4.72 -8.07 -3.63
N GLU C 65 4.08 -9.23 -3.67
CA GLU C 65 4.07 -10.13 -2.53
C GLU C 65 5.47 -10.62 -2.21
N ARG C 66 6.15 -11.15 -3.21
CA ARG C 66 7.49 -11.65 -3.04
C ARG C 66 8.41 -10.55 -2.51
N ILE C 67 8.16 -9.32 -2.94
CA ILE C 67 8.97 -8.18 -2.49
C ILE C 67 8.62 -7.84 -1.05
N GLU C 68 7.32 -7.81 -0.81
CA GLU C 68 6.78 -7.52 0.51
C GLU C 68 7.39 -8.50 1.50
N PHE C 69 7.32 -9.78 1.14
CA PHE C 69 7.87 -10.86 1.93
C PHE C 69 9.30 -10.50 2.30
N LEU C 70 10.05 -10.07 1.30
CA LEU C 70 11.45 -9.70 1.47
C LEU C 70 11.66 -8.50 2.38
N ASN C 71 10.87 -7.44 2.20
CA ASN C 71 11.03 -6.26 3.04
C ASN C 71 10.60 -6.50 4.47
N GLU C 72 9.64 -7.40 4.65
CA GLU C 72 9.18 -7.70 5.99
C GLU C 72 10.23 -8.51 6.74
N ALA C 73 10.82 -9.49 6.07
CA ALA C 73 11.85 -10.30 6.71
C ALA C 73 13.06 -9.45 7.06
N SER C 74 13.23 -8.35 6.33
CA SER C 74 14.36 -7.46 6.54
C SER C 74 14.35 -6.68 7.86
N VAL C 75 13.21 -6.57 8.52
CA VAL C 75 13.18 -5.86 9.78
C VAL C 75 14.16 -6.51 10.71
N MET C 76 14.26 -7.83 10.58
CA MET C 76 15.13 -8.61 11.44
C MET C 76 16.63 -8.40 11.21
N LYS C 77 16.96 -7.78 10.08
CA LYS C 77 18.36 -7.50 9.77
C LYS C 77 18.98 -6.57 10.79
N GLU C 78 18.14 -5.71 11.35
CA GLU C 78 18.60 -4.74 12.34
C GLU C 78 18.91 -5.30 13.71
N PHE C 79 18.32 -6.45 14.03
CA PHE C 79 18.51 -7.04 15.35
C PHE C 79 19.44 -8.24 15.46
N ASN C 80 20.14 -8.29 16.59
CA ASN C 80 21.06 -9.38 16.89
C ASN C 80 21.10 -9.59 18.39
N CYS C 81 20.24 -10.48 18.86
CA CYS C 81 20.17 -10.82 20.28
C CYS C 81 20.05 -12.33 20.37
N HIS C 82 20.65 -12.91 21.39
CA HIS C 82 20.59 -14.36 21.55
C HIS C 82 19.15 -14.77 21.82
N HIS C 83 18.38 -13.86 22.45
CA HIS C 83 17.00 -14.17 22.77
C HIS C 83 15.95 -13.64 21.81
N VAL C 84 16.36 -13.43 20.56
CA VAL C 84 15.46 -13.01 19.50
C VAL C 84 15.85 -13.91 18.34
N VAL C 85 14.88 -14.56 17.71
CA VAL C 85 15.20 -15.44 16.60
C VAL C 85 15.94 -14.67 15.50
N ARG C 86 17.03 -15.24 15.03
CA ARG C 86 17.88 -14.61 14.04
C ARG C 86 17.70 -14.91 12.56
N LEU C 87 17.85 -13.87 11.75
CA LEU C 87 17.77 -13.98 10.30
C LEU C 87 19.19 -14.34 9.89
N LEU C 88 19.34 -15.33 9.02
CA LEU C 88 20.69 -15.72 8.60
C LEU C 88 21.00 -15.33 7.17
N GLY C 89 19.98 -15.08 6.38
CA GLY C 89 20.23 -14.70 5.00
C GLY C 89 18.97 -14.57 4.20
N VAL C 90 19.12 -14.23 2.93
CA VAL C 90 18.00 -14.05 2.04
C VAL C 90 18.37 -14.44 0.62
N VAL C 91 17.38 -14.89 -0.15
CA VAL C 91 17.61 -15.22 -1.55
C VAL C 91 16.54 -14.48 -2.34
N SER C 92 16.88 -13.26 -2.73
CA SER C 92 15.98 -12.37 -3.47
C SER C 92 16.19 -12.49 -4.98
N GLN C 93 17.38 -12.92 -5.37
CA GLN C 93 17.71 -13.05 -6.78
C GLN C 93 17.22 -14.40 -7.33
N GLY C 94 16.13 -14.37 -8.10
CA GLY C 94 15.61 -15.60 -8.68
C GLY C 94 14.40 -16.20 -8.03
N GLN C 95 13.68 -17.00 -8.82
CA GLN C 95 12.46 -17.69 -8.39
C GLN C 95 12.98 -18.81 -7.44
N PRO C 96 12.33 -18.97 -6.27
CA PRO C 96 11.92 -19.45 -4.97
C PRO C 96 12.49 -18.43 -3.99
N THR C 97 11.82 -17.29 -3.91
CA THR C 97 12.25 -16.22 -3.01
C THR C 97 12.28 -16.84 -1.64
N LEU C 98 13.46 -16.86 -1.04
CA LEU C 98 13.66 -17.45 0.28
C LEU C 98 14.13 -16.48 1.34
N VAL C 99 14.13 -16.99 2.57
CA VAL C 99 14.57 -16.25 3.73
C VAL C 99 15.04 -17.35 4.69
N ILE C 100 16.31 -17.26 5.09
CA ILE C 100 16.88 -18.24 6.00
C ILE C 100 16.87 -17.72 7.43
N MET C 101 16.21 -18.46 8.32
CA MET C 101 16.09 -18.09 9.72
C MET C 101 16.76 -19.10 10.63
N GLU C 102 17.12 -18.64 11.82
CA GLU C 102 17.71 -19.51 12.83
C GLU C 102 16.65 -20.59 13.06
N LEU C 103 17.07 -21.85 13.18
CA LEU C 103 16.13 -22.96 13.38
C LEU C 103 15.72 -23.15 14.85
N MET C 104 14.41 -23.16 15.10
CA MET C 104 13.84 -23.35 16.44
C MET C 104 13.02 -24.64 16.35
N THR C 105 13.71 -25.77 16.47
CA THR C 105 13.11 -27.09 16.34
C THR C 105 11.87 -27.39 17.16
N ARG C 106 11.72 -26.73 18.30
CA ARG C 106 10.55 -27.00 19.13
C ARG C 106 9.30 -26.17 18.85
N GLY C 107 9.35 -25.31 17.83
CA GLY C 107 8.19 -24.51 17.47
C GLY C 107 7.90 -23.30 18.35
N ASP C 108 6.68 -22.78 18.26
CA ASP C 108 6.29 -21.63 19.04
C ASP C 108 6.03 -22.03 20.48
N LEU C 109 6.19 -21.10 21.39
CA LEU C 109 6.01 -21.40 22.80
C LEU C 109 4.64 -21.96 23.10
N LYS C 110 3.60 -21.44 22.47
CA LYS C 110 2.25 -21.93 22.74
C LYS C 110 2.13 -23.42 22.43
N SER C 111 2.54 -23.80 21.23
CA SER C 111 2.49 -25.20 20.81
C SER C 111 3.34 -26.08 21.73
N TYR C 112 4.47 -25.56 22.18
CA TYR C 112 5.33 -26.31 23.07
C TYR C 112 4.66 -26.52 24.42
N LEU C 113 3.96 -25.51 24.90
CA LEU C 113 3.27 -25.59 26.20
C LEU C 113 2.09 -26.56 26.13
N ARG C 114 1.33 -26.50 25.04
CA ARG C 114 0.18 -27.39 24.86
C ARG C 114 0.66 -28.84 24.78
N SER C 115 1.86 -29.03 24.26
CA SER C 115 2.44 -30.36 24.08
C SER C 115 2.82 -30.99 25.41
N LEU C 116 2.72 -30.21 26.48
CA LEU C 116 3.08 -30.71 27.79
C LEU C 116 1.86 -31.21 28.54
N ARG C 117 0.69 -30.79 28.10
CA ARG C 117 -0.54 -31.22 28.74
C ARG C 117 -0.55 -32.74 28.76
N PRO C 118 -0.92 -33.34 29.91
CA PRO C 118 -0.99 -34.78 30.14
C PRO C 118 -1.74 -35.60 29.09
N GLU C 119 -1.34 -35.47 27.83
CA GLU C 119 -1.98 -36.20 26.74
C GLU C 119 -1.00 -36.37 25.58
N VAL C 125 5.95 -39.04 29.26
CA VAL C 125 5.29 -38.36 30.36
C VAL C 125 6.31 -37.52 31.11
N LEU C 126 6.37 -36.24 30.78
CA LEU C 126 7.33 -35.35 31.42
C LEU C 126 6.70 -34.59 32.57
N ALA C 127 7.52 -33.94 33.38
CA ALA C 127 7.01 -33.15 34.48
C ALA C 127 6.60 -31.78 33.89
N PRO C 128 5.61 -31.11 34.48
CA PRO C 128 5.06 -29.80 34.08
C PRO C 128 6.13 -28.72 34.22
N PRO C 129 5.86 -27.44 33.82
CA PRO C 129 7.13 -26.78 34.10
C PRO C 129 7.30 -26.37 35.57
N SER C 130 8.48 -26.60 36.11
CA SER C 130 8.73 -26.24 37.49
C SER C 130 9.01 -24.75 37.58
N LEU C 131 8.85 -24.20 38.76
CA LEU C 131 9.09 -22.78 38.99
C LEU C 131 10.40 -22.38 38.31
N SER C 132 11.41 -23.21 38.48
CA SER C 132 12.72 -22.95 37.90
C SER C 132 12.65 -22.83 36.39
N LYS C 133 11.98 -23.78 35.75
CA LYS C 133 11.85 -23.79 34.30
C LYS C 133 11.17 -22.52 33.81
N MET C 134 10.06 -22.20 34.43
CA MET C 134 9.27 -21.02 34.08
C MET C 134 10.04 -19.73 34.25
N ILE C 135 10.79 -19.60 35.34
CA ILE C 135 11.59 -18.40 35.58
C ILE C 135 12.62 -18.22 34.47
N GLN C 136 13.08 -19.35 33.93
CA GLN C 136 14.06 -19.30 32.86
C GLN C 136 13.41 -18.71 31.60
N MET C 137 12.31 -19.31 31.15
CA MET C 137 11.61 -18.83 29.96
C MET C 137 11.27 -17.35 30.11
N ALA C 138 10.74 -17.00 31.26
CA ALA C 138 10.39 -15.62 31.54
C ALA C 138 11.61 -14.70 31.46
N GLY C 139 12.75 -15.19 31.93
CA GLY C 139 13.96 -14.38 31.88
C GLY C 139 14.45 -14.19 30.46
N GLU C 140 14.34 -15.25 29.67
CA GLU C 140 14.76 -15.23 28.28
C GLU C 140 13.85 -14.33 27.46
N ILE C 141 12.55 -14.46 27.66
CA ILE C 141 11.59 -13.61 26.95
C ILE C 141 11.79 -12.15 27.34
N ALA C 142 11.91 -11.89 28.64
CA ALA C 142 12.10 -10.54 29.12
C ALA C 142 13.39 -9.95 28.60
N ASP C 143 14.40 -10.80 28.43
CA ASP C 143 15.69 -10.34 27.93
C ASP C 143 15.62 -9.90 26.47
N GLY C 144 14.92 -10.67 25.65
CA GLY C 144 14.78 -10.31 24.26
C GLY C 144 13.93 -9.06 24.10
N MET C 145 12.98 -8.89 25.02
CA MET C 145 12.11 -7.73 24.98
C MET C 145 12.82 -6.47 25.46
N ALA C 146 13.70 -6.63 26.45
CA ALA C 146 14.44 -5.49 26.94
C ALA C 146 15.33 -5.00 25.81
N TYR C 147 15.93 -5.96 25.08
CA TYR C 147 16.81 -5.65 23.96
C TYR C 147 16.03 -4.88 22.91
N LEU C 148 14.90 -5.43 22.51
CA LEU C 148 14.05 -4.80 21.52
C LEU C 148 13.61 -3.40 21.93
N ASN C 149 13.11 -3.28 23.16
CA ASN C 149 12.68 -1.98 23.66
C ASN C 149 13.87 -1.03 23.71
N ALA C 150 15.04 -1.56 24.08
CA ALA C 150 16.25 -0.73 24.14
C ALA C 150 16.55 -0.20 22.75
N ASN C 151 16.20 -0.98 21.73
CA ASN C 151 16.43 -0.57 20.35
C ASN C 151 15.23 0.14 19.74
N LYS C 152 14.51 0.87 20.59
CA LYS C 152 13.33 1.63 20.20
C LYS C 152 12.27 0.87 19.40
N PHE C 153 11.89 -0.30 19.87
CA PHE C 153 10.87 -1.09 19.20
C PHE C 153 9.83 -1.57 20.19
N VAL C 154 8.56 -1.35 19.87
CA VAL C 154 7.46 -1.81 20.72
C VAL C 154 6.80 -2.92 19.91
N HIS C 155 6.89 -4.14 20.43
CA HIS C 155 6.36 -5.33 19.79
C HIS C 155 4.89 -5.22 19.39
N ARG C 156 4.03 -4.95 20.37
CA ARG C 156 2.59 -4.81 20.15
C ARG C 156 1.82 -6.11 19.93
N ASP C 157 2.51 -7.24 19.89
CA ASP C 157 1.81 -8.51 19.72
C ASP C 157 2.55 -9.64 20.41
N LEU C 158 2.99 -9.38 21.62
CA LEU C 158 3.69 -10.40 22.40
C LEU C 158 2.62 -11.38 22.91
N ALA C 159 2.85 -12.67 22.66
CA ALA C 159 1.95 -13.74 23.07
C ALA C 159 2.80 -15.00 22.97
N ALA C 160 2.45 -16.04 23.70
CA ALA C 160 3.23 -17.29 23.66
C ALA C 160 3.41 -17.78 22.23
N ARG C 161 2.35 -17.60 21.43
CA ARG C 161 2.39 -18.03 20.06
C ARG C 161 3.47 -17.31 19.23
N ASN C 162 3.91 -16.14 19.70
CA ASN C 162 4.91 -15.36 18.97
C ASN C 162 6.32 -15.50 19.48
N CYS C 163 6.52 -16.51 20.33
CA CYS C 163 7.83 -16.79 20.85
C CYS C 163 8.16 -18.15 20.28
N MET C 164 9.44 -18.46 20.17
CA MET C 164 9.87 -19.74 19.63
C MET C 164 10.70 -20.50 20.64
N VAL C 165 10.75 -21.83 20.49
CA VAL C 165 11.52 -22.67 21.40
C VAL C 165 12.61 -23.45 20.68
N ALA C 166 13.84 -23.29 21.14
CA ALA C 166 14.98 -23.95 20.53
C ALA C 166 15.18 -25.39 21.02
N GLU C 167 16.03 -26.12 20.32
CA GLU C 167 16.33 -27.50 20.65
C GLU C 167 16.74 -27.65 22.10
N ASP C 168 17.48 -26.67 22.62
CA ASP C 168 17.91 -26.73 24.01
C ASP C 168 16.94 -26.02 24.95
N PHE C 169 15.70 -25.86 24.48
CA PHE C 169 14.64 -25.24 25.27
C PHE C 169 14.75 -23.75 25.54
N THR C 170 15.69 -23.10 24.88
CA THR C 170 15.85 -21.66 25.04
C THR C 170 14.66 -21.02 24.33
N VAL C 171 13.98 -20.11 25.02
CA VAL C 171 12.83 -19.43 24.43
C VAL C 171 13.31 -18.09 23.87
N LYS C 172 12.80 -17.77 22.69
CA LYS C 172 13.16 -16.53 22.03
C LYS C 172 11.95 -15.90 21.40
N ILE C 173 12.07 -14.61 21.12
CA ILE C 173 11.02 -13.85 20.48
C ILE C 173 11.14 -14.11 18.99
N GLY C 174 10.04 -14.60 18.40
CA GLY C 174 10.02 -14.91 16.98
C GLY C 174 10.18 -13.69 16.08
N ASP C 175 10.53 -13.93 14.82
CA ASP C 175 10.69 -12.84 13.87
C ASP C 175 9.35 -12.10 13.79
N PHE C 176 9.41 -10.82 13.47
CA PHE C 176 8.19 -10.01 13.42
C PHE C 176 8.20 -9.03 12.26
N GLY C 177 7.11 -8.28 12.14
CA GLY C 177 7.00 -7.26 11.11
C GLY C 177 7.05 -5.87 11.76
N MET C 178 6.91 -4.80 10.97
CA MET C 178 6.92 -3.45 11.53
C MET C 178 5.95 -2.50 10.84
N THR C 179 6.00 -1.23 11.23
CA THR C 179 5.14 -0.21 10.64
C THR C 179 5.66 1.19 10.97
N TYR C 187 9.08 8.04 16.35
CA TYR C 187 9.40 7.98 17.78
C TYR C 187 9.97 6.60 18.10
N TYR C 188 9.08 5.70 18.52
CA TYR C 188 9.42 4.32 18.86
C TYR C 188 8.78 3.48 17.77
N ARG C 189 9.52 2.55 17.17
CA ARG C 189 8.94 1.72 16.12
C ARG C 189 7.93 0.75 16.72
N LYS C 190 6.89 0.42 15.93
CA LYS C 190 5.84 -0.46 16.39
C LYS C 190 5.74 -1.74 15.57
N GLY C 191 5.73 -2.88 16.24
CA GLY C 191 5.60 -4.13 15.52
C GLY C 191 4.12 -4.42 15.35
N GLY C 192 3.79 -5.70 15.25
CA GLY C 192 2.39 -6.07 15.11
C GLY C 192 1.92 -6.04 13.67
N LYS C 193 1.23 -7.13 13.29
CA LYS C 193 0.69 -7.27 11.93
C LYS C 193 -0.57 -8.13 12.00
N GLY C 194 -1.67 -7.61 11.46
CA GLY C 194 -2.90 -8.35 11.48
C GLY C 194 -3.86 -7.78 12.50
N LEU C 195 -4.88 -8.56 12.81
CA LEU C 195 -5.86 -8.11 13.78
C LEU C 195 -5.30 -8.41 15.17
N LEU C 196 -4.90 -7.37 15.90
CA LEU C 196 -4.37 -7.57 17.25
C LEU C 196 -5.42 -8.26 18.14
N PRO C 197 -4.99 -9.29 18.91
CA PRO C 197 -5.85 -10.05 19.80
C PRO C 197 -6.15 -9.35 21.12
N VAL C 198 -7.43 -9.16 21.39
CA VAL C 198 -7.90 -8.49 22.60
C VAL C 198 -7.38 -9.03 23.93
N ARG C 199 -7.36 -10.36 24.06
CA ARG C 199 -6.92 -11.00 25.30
C ARG C 199 -5.49 -10.74 25.76
N TRP C 200 -4.68 -10.08 24.93
CA TRP C 200 -3.29 -9.80 25.32
C TRP C 200 -3.07 -8.30 25.43
N MET C 201 -4.07 -7.52 25.03
CA MET C 201 -3.98 -6.07 25.05
C MET C 201 -4.13 -5.39 26.40
N SER C 202 -3.35 -4.33 26.61
CA SER C 202 -3.41 -3.59 27.86
C SER C 202 -4.64 -2.71 27.85
N PRO C 203 -5.10 -2.29 29.04
CA PRO C 203 -6.28 -1.43 29.19
C PRO C 203 -6.20 -0.15 28.36
N GLU C 204 -5.04 0.52 28.40
CA GLU C 204 -4.81 1.77 27.66
C GLU C 204 -4.77 1.54 26.15
N SER C 205 -4.35 0.35 25.74
CA SER C 205 -4.31 0.01 24.32
C SER C 205 -5.73 -0.18 23.82
N LEU C 206 -6.57 -0.82 24.64
CA LEU C 206 -7.98 -1.07 24.30
C LEU C 206 -8.76 0.24 24.33
N LYS C 207 -8.47 1.03 25.35
CA LYS C 207 -9.13 2.30 25.56
C LYS C 207 -8.72 3.42 24.62
N ASP C 208 -7.42 3.69 24.53
CA ASP C 208 -6.92 4.76 23.68
C ASP C 208 -6.06 4.35 22.49
N GLY C 209 -5.81 3.06 22.32
CA GLY C 209 -5.00 2.63 21.21
C GLY C 209 -3.54 3.00 21.42
N VAL C 210 -3.18 3.17 22.68
CA VAL C 210 -1.84 3.54 23.08
C VAL C 210 -0.96 2.31 23.34
N PHE C 211 0.17 2.25 22.64
CA PHE C 211 1.11 1.15 22.80
C PHE C 211 2.46 1.67 23.25
N THR C 212 3.00 1.07 24.29
CA THR C 212 4.31 1.48 24.80
C THR C 212 5.07 0.28 25.29
N THR C 213 6.25 0.55 25.82
CA THR C 213 7.08 -0.49 26.40
C THR C 213 6.27 -1.10 27.54
N TYR C 214 5.50 -0.27 28.23
CA TYR C 214 4.66 -0.69 29.35
C TYR C 214 3.55 -1.65 28.95
N SER C 215 2.94 -1.43 27.80
CA SER C 215 1.88 -2.32 27.33
C SER C 215 2.50 -3.64 26.83
N ASP C 216 3.78 -3.61 26.51
CA ASP C 216 4.48 -4.82 26.09
C ASP C 216 4.66 -5.65 27.36
N VAL C 217 4.90 -4.96 28.47
CA VAL C 217 5.08 -5.61 29.76
C VAL C 217 3.75 -6.24 30.18
N TRP C 218 2.64 -5.54 29.92
CA TRP C 218 1.33 -6.09 30.23
C TRP C 218 1.18 -7.44 29.51
N SER C 219 1.40 -7.43 28.21
CA SER C 219 1.31 -8.62 27.38
C SER C 219 2.23 -9.72 27.87
N PHE C 220 3.36 -9.31 28.43
CA PHE C 220 4.34 -10.24 28.99
C PHE C 220 3.68 -11.01 30.13
N GLY C 221 2.94 -10.31 30.98
CA GLY C 221 2.29 -10.97 32.10
C GLY C 221 1.31 -12.03 31.64
N VAL C 222 0.68 -11.78 30.50
CA VAL C 222 -0.29 -12.73 29.96
C VAL C 222 0.41 -14.00 29.46
N VAL C 223 1.60 -13.87 28.89
CA VAL C 223 2.32 -15.06 28.41
C VAL C 223 2.84 -15.86 29.62
N LEU C 224 3.15 -15.17 30.71
CA LEU C 224 3.60 -15.84 31.94
C LEU C 224 2.42 -16.68 32.42
N TRP C 225 1.24 -16.13 32.23
CA TRP C 225 0.00 -16.78 32.60
C TRP C 225 -0.25 -17.94 31.63
N GLU C 226 0.18 -17.77 30.39
CA GLU C 226 -0.01 -18.82 29.39
C GLU C 226 0.89 -19.97 29.78
N ILE C 227 2.14 -19.63 30.10
CA ILE C 227 3.12 -20.61 30.53
C ILE C 227 2.54 -21.38 31.73
N ALA C 228 2.15 -20.63 32.75
CA ALA C 228 1.58 -21.21 33.96
C ALA C 228 0.33 -22.05 33.74
N THR C 229 -0.38 -21.86 32.64
CA THR C 229 -1.59 -22.64 32.38
C THR C 229 -1.44 -23.62 31.23
N LEU C 230 -0.19 -23.85 30.82
CA LEU C 230 0.10 -24.73 29.67
C LEU C 230 -0.75 -24.27 28.50
N ALA C 231 -0.76 -22.96 28.33
CA ALA C 231 -1.46 -22.27 27.26
C ALA C 231 -2.97 -22.40 27.20
N GLU C 232 -3.66 -21.99 28.25
CA GLU C 232 -5.12 -22.00 28.23
C GLU C 232 -5.48 -20.67 27.58
N GLN C 233 -6.74 -20.50 27.22
CA GLN C 233 -7.15 -19.23 26.61
C GLN C 233 -7.38 -18.21 27.70
N PRO C 234 -6.70 -17.05 27.60
CA PRO C 234 -6.88 -16.01 28.62
C PRO C 234 -8.34 -15.56 28.63
N TYR C 235 -8.91 -15.42 29.82
CA TYR C 235 -10.31 -15.00 29.96
C TYR C 235 -11.21 -16.02 29.25
N GLN C 236 -10.81 -17.28 29.30
CA GLN C 236 -11.54 -18.36 28.68
C GLN C 236 -12.99 -18.36 29.14
N GLY C 237 -13.92 -18.42 28.20
CA GLY C 237 -15.33 -18.40 28.57
C GLY C 237 -16.00 -17.08 28.22
N LEU C 238 -15.23 -16.00 28.23
CA LEU C 238 -15.73 -14.67 27.92
C LEU C 238 -15.44 -14.33 26.48
N SER C 239 -16.30 -13.55 25.85
CA SER C 239 -16.09 -13.17 24.47
C SER C 239 -15.05 -12.04 24.50
N ASN C 240 -14.35 -11.84 23.39
CA ASN C 240 -13.37 -10.76 23.31
C ASN C 240 -14.05 -9.43 23.64
N GLU C 241 -15.29 -9.32 23.21
CA GLU C 241 -16.10 -8.13 23.45
C GLU C 241 -16.27 -7.89 24.95
N GLN C 242 -16.50 -8.98 25.69
CA GLN C 242 -16.66 -8.86 27.14
C GLN C 242 -15.32 -8.66 27.80
N VAL C 243 -14.26 -9.22 27.21
CA VAL C 243 -12.92 -9.07 27.74
C VAL C 243 -12.49 -7.61 27.60
N LEU C 244 -12.85 -7.02 26.46
CA LEU C 244 -12.53 -5.63 26.17
C LEU C 244 -12.97 -4.80 27.36
N ARG C 245 -14.24 -4.95 27.76
CA ARG C 245 -14.78 -4.20 28.89
C ARG C 245 -14.21 -4.60 30.24
N PHE C 246 -14.15 -5.90 30.51
CA PHE C 246 -13.63 -6.41 31.76
C PHE C 246 -12.25 -5.80 32.04
N VAL C 247 -11.32 -6.02 31.12
CA VAL C 247 -9.96 -5.52 31.27
C VAL C 247 -9.88 -4.01 31.41
N MET C 248 -10.67 -3.30 30.61
CA MET C 248 -10.69 -1.85 30.70
C MET C 248 -11.25 -1.42 32.05
N GLU C 249 -12.01 -2.31 32.70
CA GLU C 249 -12.62 -2.04 33.99
C GLU C 249 -11.78 -2.44 35.20
N GLY C 250 -10.51 -2.79 34.96
CA GLY C 250 -9.65 -3.18 36.06
C GLY C 250 -9.69 -4.68 36.29
N GLY C 251 -10.42 -5.40 35.44
CA GLY C 251 -10.49 -6.84 35.58
C GLY C 251 -9.15 -7.45 35.24
N LEU C 252 -8.83 -8.57 35.89
CA LEU C 252 -7.57 -9.27 35.65
C LEU C 252 -7.74 -10.78 35.54
N LEU C 253 -6.72 -11.46 35.05
CA LEU C 253 -6.77 -12.92 34.91
C LEU C 253 -6.63 -13.57 36.28
N ASP C 254 -7.24 -14.74 36.44
CA ASP C 254 -7.20 -15.49 37.70
C ASP C 254 -5.86 -16.15 37.93
N LYS C 255 -5.52 -16.39 39.19
CA LYS C 255 -4.27 -17.04 39.53
C LYS C 255 -4.41 -18.50 39.15
N PRO C 256 -3.56 -18.99 38.24
CA PRO C 256 -3.63 -20.39 37.80
C PRO C 256 -3.69 -21.38 38.97
N ASP C 257 -4.40 -22.49 38.74
CA ASP C 257 -4.60 -23.53 39.74
C ASP C 257 -3.49 -23.77 40.75
N ASN C 258 -2.29 -24.07 40.29
CA ASN C 258 -1.20 -24.33 41.21
C ASN C 258 -0.03 -23.42 40.89
N CYS C 259 -0.35 -22.19 40.50
CA CYS C 259 0.68 -21.23 40.13
C CYS C 259 1.53 -20.80 41.32
N PRO C 260 2.86 -20.82 41.15
CA PRO C 260 3.78 -20.41 42.22
C PRO C 260 3.45 -18.98 42.63
N ASP C 261 3.41 -18.73 43.92
CA ASP C 261 3.10 -17.39 44.41
C ASP C 261 3.95 -16.31 43.76
N MET C 262 5.25 -16.55 43.71
CA MET C 262 6.18 -15.60 43.13
C MET C 262 5.88 -15.32 41.66
N LEU C 263 5.53 -16.36 40.93
CA LEU C 263 5.21 -16.22 39.52
C LEU C 263 3.98 -15.33 39.34
N PHE C 264 2.96 -15.56 40.15
CA PHE C 264 1.75 -14.75 40.08
C PHE C 264 2.03 -13.32 40.52
N GLU C 265 3.08 -13.13 41.32
CA GLU C 265 3.44 -11.79 41.78
C GLU C 265 3.82 -10.95 40.56
N LEU C 266 4.68 -11.53 39.72
CA LEU C 266 5.14 -10.88 38.51
C LEU C 266 3.95 -10.45 37.68
N MET C 267 3.08 -11.42 37.37
CA MET C 267 1.87 -11.17 36.61
C MET C 267 1.17 -9.93 37.13
N ARG C 268 0.82 -9.95 38.42
CA ARG C 268 0.15 -8.83 39.06
C ARG C 268 0.89 -7.51 38.92
N MET C 269 2.22 -7.57 38.89
CA MET C 269 3.04 -6.38 38.74
C MET C 269 2.91 -5.84 37.31
N CYS C 270 2.97 -6.75 36.34
CA CYS C 270 2.87 -6.41 34.92
C CYS C 270 1.47 -5.93 34.59
N TRP C 271 0.53 -6.23 35.49
CA TRP C 271 -0.86 -5.84 35.27
C TRP C 271 -1.35 -4.64 36.04
N GLN C 272 -0.42 -3.79 36.47
CA GLN C 272 -0.82 -2.57 37.17
C GLN C 272 -1.62 -1.78 36.14
N TYR C 273 -2.79 -1.30 36.53
CA TYR C 273 -3.64 -0.55 35.60
C TYR C 273 -2.86 0.64 35.02
N ASN C 274 -2.14 1.34 35.90
CA ASN C 274 -1.33 2.48 35.48
C ASN C 274 0.00 1.96 34.97
N PRO C 275 0.27 2.18 33.67
CA PRO C 275 1.49 1.76 32.96
C PRO C 275 2.76 2.08 33.69
N LYS C 276 2.85 3.30 34.23
CA LYS C 276 4.04 3.74 34.93
C LYS C 276 4.30 2.89 36.16
N MET C 277 3.25 2.23 36.63
CA MET C 277 3.33 1.38 37.81
C MET C 277 4.05 0.07 37.51
N ARG C 278 3.91 -0.40 36.27
CA ARG C 278 4.50 -1.66 35.84
C ARG C 278 6.02 -1.59 35.72
N PRO C 279 6.71 -2.72 35.97
CA PRO C 279 8.18 -2.76 35.87
C PRO C 279 8.61 -2.84 34.42
N SER C 280 9.87 -2.50 34.16
CA SER C 280 10.38 -2.57 32.80
C SER C 280 10.91 -3.98 32.68
N PHE C 281 11.25 -4.41 31.47
CA PHE C 281 11.77 -5.74 31.27
C PHE C 281 13.11 -5.90 31.98
N LEU C 282 13.85 -4.80 32.07
CA LEU C 282 15.14 -4.83 32.75
C LEU C 282 14.90 -5.01 34.24
N GLU C 283 13.85 -4.36 34.76
CA GLU C 283 13.52 -4.48 36.17
C GLU C 283 12.98 -5.87 36.47
N ILE C 284 12.24 -6.43 35.50
CA ILE C 284 11.69 -7.76 35.64
C ILE C 284 12.87 -8.71 35.81
N ILE C 285 13.79 -8.65 34.85
CA ILE C 285 14.99 -9.49 34.84
C ILE C 285 15.81 -9.28 36.09
N SER C 286 16.09 -8.02 36.39
CA SER C 286 16.85 -7.67 37.57
C SER C 286 16.36 -8.43 38.79
N SER C 287 15.04 -8.48 38.96
CA SER C 287 14.44 -9.15 40.11
C SER C 287 14.40 -10.68 40.07
N ILE C 288 14.79 -11.30 38.94
CA ILE C 288 14.80 -12.75 38.88
C ILE C 288 16.11 -13.32 38.35
N LYS C 289 17.05 -12.43 38.02
CA LYS C 289 18.34 -12.84 37.48
C LYS C 289 19.03 -13.93 38.28
N GLU C 290 18.96 -13.84 39.60
CA GLU C 290 19.60 -14.83 40.44
C GLU C 290 19.02 -16.24 40.27
N GLU C 291 17.76 -16.32 39.88
CA GLU C 291 17.12 -17.61 39.68
C GLU C 291 17.28 -18.08 38.23
N MET C 292 18.17 -17.43 37.49
CA MET C 292 18.43 -17.79 36.10
C MET C 292 19.56 -18.82 36.04
N GLU C 293 19.71 -19.48 34.90
CA GLU C 293 20.76 -20.46 34.72
C GLU C 293 22.11 -19.77 34.67
N PRO C 294 23.21 -20.53 34.83
CA PRO C 294 24.57 -19.96 34.80
C PRO C 294 24.97 -19.32 33.46
N GLY C 295 24.54 -19.93 32.36
CA GLY C 295 24.88 -19.39 31.05
C GLY C 295 24.27 -18.05 30.72
N PHE C 296 23.16 -17.72 31.38
CA PHE C 296 22.45 -16.47 31.12
C PHE C 296 23.38 -15.26 31.09
N ARG C 297 24.29 -15.16 32.04
CA ARG C 297 25.21 -14.03 32.10
C ARG C 297 26.05 -13.87 30.83
N GLU C 298 26.31 -14.99 30.17
CA GLU C 298 27.13 -15.03 28.95
C GLU C 298 26.42 -14.61 27.67
N VAL C 299 25.15 -15.00 27.55
CA VAL C 299 24.37 -14.74 26.36
C VAL C 299 23.31 -13.64 26.43
N SER C 300 22.99 -13.20 27.64
CA SER C 300 21.96 -12.17 27.82
C SER C 300 22.31 -10.75 27.42
N PHE C 301 21.30 -10.03 26.95
CA PHE C 301 21.45 -8.62 26.58
C PHE C 301 21.66 -7.88 27.90
N TYR C 302 20.88 -8.29 28.90
CA TYR C 302 20.93 -7.70 30.22
C TYR C 302 22.35 -7.59 30.74
N TYR C 303 23.10 -8.68 30.69
CA TYR C 303 24.48 -8.69 31.15
C TYR C 303 25.46 -8.30 30.06
N SER C 304 24.97 -7.85 28.92
CA SER C 304 25.85 -7.46 27.82
C SER C 304 26.44 -6.07 28.01
N GLU C 305 27.46 -5.76 27.20
CA GLU C 305 28.12 -4.47 27.24
C GLU C 305 27.16 -3.45 26.64
N GLU C 306 26.35 -3.94 25.71
CA GLU C 306 25.35 -3.14 25.01
C GLU C 306 24.27 -2.62 25.97
N ASN C 307 24.17 -3.22 27.15
CA ASN C 307 23.17 -2.80 28.12
C ASN C 307 23.58 -1.50 28.83
N LYS C 308 23.18 -0.38 28.22
CA LYS C 308 23.46 0.96 28.72
C LYS C 308 22.29 1.47 29.57
MG MG D . 8.25 -1.59 -19.73
S SO4 E . 23.31 -1.60 -42.52
O1 SO4 E . 23.86 -2.93 -42.23
O2 SO4 E . 22.57 -1.08 -41.33
O3 SO4 E . 24.42 -0.68 -42.83
O4 SO4 E . 22.38 -1.70 -43.67
PG ANP F . 7.13 -3.69 -17.14
O1G ANP F . 6.83 -3.21 -15.72
O2G ANP F . 7.65 -2.63 -18.06
O3G ANP F . 8.03 -4.93 -17.17
PB ANP F . 4.74 -3.46 -18.98
O1B ANP F . 4.74 -2.01 -18.44
O2B ANP F . 3.39 -3.92 -19.22
N3B ANP F . 5.63 -4.17 -17.79
PA ANP F . 6.69 -4.22 -21.12
O1A ANP F . 7.90 -3.24 -21.25
O2A ANP F . 7.06 -5.35 -20.26
O3A ANP F . 5.49 -3.39 -20.44
O5' ANP F . 6.33 -4.62 -22.59
C5' ANP F . 5.24 -5.48 -22.86
C4' ANP F . 5.29 -5.72 -24.43
O4' ANP F . 4.83 -4.61 -25.14
C3' ANP F . 6.64 -5.90 -25.06
O3' ANP F . 6.46 -6.75 -26.16
C2' ANP F . 7.02 -4.50 -25.57
O2' ANP F . 7.86 -4.42 -26.70
C1' ANP F . 5.77 -3.84 -25.91
N9 ANP F . 5.76 -2.33 -25.74
C8 ANP F . 5.54 -1.63 -24.61
N7 ANP F . 5.61 -0.31 -24.85
C5 ANP F . 5.88 -0.17 -26.16
C6 ANP F . 6.07 1.04 -26.97
N6 ANP F . 5.96 2.28 -26.42
N1 ANP F . 6.35 0.88 -28.35
C2 ANP F . 6.44 -0.39 -28.84
N3 ANP F . 6.27 -1.50 -28.08
C4 ANP F . 5.99 -1.45 -26.74
S SO4 G . -20.32 7.34 -16.25
O1 SO4 G . -19.91 5.95 -16.45
O2 SO4 G . -19.76 7.86 -14.99
O3 SO4 G . -19.81 8.14 -17.37
O4 SO4 G . -21.77 7.43 -16.21
PG ANP H . -18.75 1.20 -2.75
O1G ANP H . -17.27 1.13 -3.10
O2G ANP H . -19.28 2.61 -2.57
O3G ANP H . -19.57 0.43 -3.76
PB ANP H . -19.92 -0.73 -0.69
O1B ANP H . -19.57 -0.81 0.76
O2B ANP H . -19.87 -2.03 -1.34
N3B ANP H . -18.91 0.41 -1.24
PA ANP H . -22.48 -0.17 -1.97
O1A ANP H . -22.99 1.27 -2.04
O2A ANP H . -21.71 -0.54 -3.21
O3A ANP H . -21.54 -0.33 -0.71
O5' ANP H . -23.75 -1.10 -1.75
C5' ANP H . -23.55 -2.49 -1.63
C4' ANP H . -25.00 -3.09 -1.53
O4' ANP H . -25.44 -3.07 -0.18
C3' ANP H . -26.12 -2.30 -2.17
O3' ANP H . -27.14 -3.24 -2.47
C2' ANP H . -26.61 -1.37 -1.07
O2' ANP H . -27.94 -0.89 -1.14
C1' ANP H . -26.45 -2.12 0.19
N9 ANP H . -26.17 -1.31 1.41
C8 ANP H . -25.00 -0.79 1.81
N7 ANP H . -25.15 -0.13 2.97
C5 ANP H . -26.46 -0.26 3.28
C6 ANP H . -27.19 0.25 4.42
N6 ANP H . -26.54 0.96 5.39
N1 ANP H . -28.56 -0.02 4.52
C2 ANP H . -29.14 -0.75 3.50
N3 ANP H . -28.45 -1.21 2.44
C4 ANP H . -27.10 -0.99 2.29
S SO4 I . 11.37 -34.08 32.68
O1 SO4 I . 10.12 -34.29 33.44
O2 SO4 I . 11.14 -34.44 31.26
O3 SO4 I . 11.81 -32.66 32.78
O4 SO4 I . 12.44 -34.97 33.21
PG ANP J . 2.94 -15.12 10.45
O1G ANP J . 3.48 -15.50 11.81
O2G ANP J . 1.71 -15.89 10.04
O3G ANP J . 2.71 -13.63 10.31
PB ANP J . 4.80 -16.96 9.06
O1B ANP J . 6.19 -16.66 8.58
O2B ANP J . 4.10 -17.78 8.13
N3B ANP J . 4.17 -15.53 9.36
PA ANP J . 3.92 -18.90 11.02
O1A ANP J . 3.64 -18.47 12.44
O2A ANP J . 2.65 -18.85 10.20
O3A ANP J . 5.01 -17.96 10.37
O5' ANP J . 4.56 -20.34 11.09
C5' ANP J . 4.93 -20.96 9.87
C4' ANP J . 5.39 -22.37 10.31
O4' ANP J . 6.79 -22.48 10.30
C3' ANP J . 5.10 -22.78 11.71
O3' ANP J . 4.94 -24.18 11.69
C2' ANP J . 6.37 -22.42 12.49
O2' ANP J . 6.66 -23.15 13.66
C1' ANP J . 7.49 -22.58 11.54
N9 ANP J . 8.67 -21.65 11.75
C8 ANP J . 8.74 -20.34 11.43
N7 ANP J . 9.94 -19.84 11.74
C5 ANP J . 10.63 -20.86 12.29
C6 ANP J . 11.99 -20.89 12.82
N6 ANP J . 12.75 -19.75 12.81
N1 ANP J . 12.49 -22.09 13.34
C2 ANP J . 11.65 -23.19 13.31
N3 ANP J . 10.39 -23.16 12.82
C4 ANP J . 9.84 -22.02 12.29
#